data_7XKE
#
_entry.id   7XKE
#
_cell.length_a   1.00
_cell.length_b   1.00
_cell.length_c   1.00
_cell.angle_alpha   90.00
_cell.angle_beta   90.00
_cell.angle_gamma   90.00
#
_symmetry.space_group_name_H-M   'P 1'
#
loop_
_entity.id
_entity.type
_entity.pdbx_description
1 polymer mini-Gs
2 polymer 'Guanine nucleotide-binding protein G(I)/G(S)/G(T) subunit beta-1'
3 polymer 'Guanine nucleotide-binding protein G(I)/G(S)/G(O) subunit gamma-2'
4 polymer NB35
5 polymer 'Adhesion G-protein coupled receptor G2'
6 non-polymer 3-BETA-HYDROXY-5-ANDROSTEN-17-ONE
7 water water
#
loop_
_entity_poly.entity_id
_entity_poly.type
_entity_poly.pdbx_seq_one_letter_code
_entity_poly.pdbx_strand_id
1 'polypeptide(L)'
;MGCTLSAEDKAAVERSKMIEKQLQKDKQVYRATHRLLLLGADNSGKSTIVKQMRIYHVNGYSEEECKQYKAVVYSNTIQS
IIAIIRAMGRLKIDFGDSARADDARQLFVLAGAAEEGFMTAELAGVIKRLWKDSGVQACFNRSREYQLNDSAAYYLNDLD
RIAQPNYIPTQQDVLRTRVKTSGIFETKFQVDKVNFHMFDVGAQRDERRKWIQCFNDVTAIIFVVDSSDYNRLQEALNDF
KSIWNNRWLRTISVILFLNKQDLLAEKVLAGKSKIEDYFPEFARYTTPEDATPEPGEDPRVTRAKYFIRDEFLRISTASG
DGRHYCYPHFTCSVDTENARRIFNDCRDIIQRMHLRQYELL
;
A
2 'polypeptide(L)'
;MHHHHHHLEVLFQGPGSSQSELDQLRQEAEQLKNQIRDARKACADATLSQITNNIDPVGRIQMRTRRTLRGHLAKIYAMH
WGTDSRLLVSASQDGKLIIWDSYTTNKVHAIPLRSSWVMTCAYAPSGNYVACGGLDNICSIYNLKTREGNVRVSRELAGH
TGYLSCCRFLDDNQIVTSSGDTTCALWDIETGQQTTTFTGHTGDVMSLSLAPDTRLFVSGACDASAKLWDVREGMCRQTF
TGHESDINAICFFPNGNAFATGSDDATCRLFDLRADQELMTYSHDNIICGITSVSFSKSGRLLLAGYDDFNCNVWDALKA
DRAGVLAGHDNRVSCLGVTDDGMAVATGSWDSFLKIWN
;
B
3 'polypeptide(L)' NTASIAQARKLVEQLKMEANIDRIKVSKAAADLMAYCEAHAKEDPLLTPVPASENPFR G
4 'polypeptide(L)'
;QVQLQESGGGLVQPGGSLRLSCAASGFTFSNYKMNWVRQAPGKGLEWVSDISQSGASISYTGSVKGRFTISRDNAKNTLY
LQMNSLKPEDTAVYYCARCPAPFTRDCFDVTSTTYAYRGQGTQVTVSS
;
N
5 'polypeptide(L)'
;MKTIIALSYIFCLVFADYKDDDDKLKENGNSSLLSPSAESSLVSLIPYSNGTPDAASEVLSTLNKTEKSKITIVKTFNAS
GVKSQRNICNLSSLCNDSVFFRGEIVFQHDEDHNVTQNQDTANGTFAGVLSLSELKRSELNKTLQTLSETYFIVCATAEA
QSTVNCTFTVKLNETMNVCAMMVTFQTVQIRPMEQCCCSPRTPCPSSPEELEKLQCELQDPIVCLADQPHGPPLSSSSKP
VVPQATIISHVASDFSLAEPLDHALMTPSTPSLTQESNLPSPQPTIPLASSPATDLPVQSVVVSSLPQTDLSHTLSPVQS
SIPSPTTPAPSVPTELVTISTPPGETVVNTSTVSDLEAQVSQMEKALSLGSLEPNLAGEMVNRVSKLLHSPPALLAPLAQ
RLLKVVDAIGLQLNFSSTTISLTSPSLALAVIRVNASNFNTTTFAAQDPTNLQVSLETPPPENSIGAITLPSSLMNNLPA
NDVELASRIQFNFFETPALFQDPSLENLTLISYVISSSVTNMTIKNLTRNVTVALKHINPSPDDLTVKCVFWDLGRNGGK
GGWSSDGCSVKDKRMNETICTCSALASFGILLDLSRTSLPPSQMMALTFITYIGCGLSSIFLSVTLVTYIAFEKIRRDYP
SKILIQLCAALLLLNLIFLLDSWIALYNTRGFCIAVAVFLHYFLLVSFTWMGLEAFHMYLALVKVFNTYIRKYILKFCIV
GWGIPAVVVSIVLTISPDNYGIGSYGKFPNGTPDDFCWINSNVVFYITVVGYFCVIFLLNVSMFIVVLVQLCRIKKKKQL
GAQRKTSIQDLRSIAGLTFLLGITWGFAFFAWGPVNVTFMYLFAIFNTLQGFFIFIFYCAAKENVRKQWRRYLCCGKLFW
FPEKGAILTDTSVKRNDLSIISG
;
R
#
loop_
_chem_comp.id
_chem_comp.type
_chem_comp.name
_chem_comp.formula
AND non-polymer 3-BETA-HYDROXY-5-ANDROSTEN-17-ONE 'C19 H28 O2'
#
# COMPACT_ATOMS: atom_id res chain seq x y z
N LEU A 5 -5.50 40.13 -3.04
CA LEU A 5 -4.18 39.54 -3.11
C LEU A 5 -3.11 40.54 -2.71
N SER A 6 -2.66 40.45 -1.46
CA SER A 6 -1.65 41.38 -0.95
C SER A 6 -0.31 41.10 -1.62
N ALA A 7 0.58 42.09 -1.51
CA ALA A 7 1.92 41.93 -2.07
C ALA A 7 2.68 40.80 -1.38
N GLU A 8 2.49 40.65 -0.07
CA GLU A 8 3.09 39.52 0.64
C GLU A 8 2.53 38.19 0.12
N ASP A 9 1.22 38.14 -0.12
CA ASP A 9 0.61 36.93 -0.63
C ASP A 9 1.12 36.60 -2.03
N LYS A 10 1.40 37.62 -2.83
CA LYS A 10 1.93 37.41 -4.18
C LYS A 10 3.29 36.72 -4.11
N ALA A 11 4.15 37.17 -3.20
CA ALA A 11 5.46 36.53 -3.04
C ALA A 11 5.31 35.10 -2.53
N ALA A 12 4.36 34.86 -1.63
CA ALA A 12 4.16 33.52 -1.09
C ALA A 12 3.75 32.55 -2.19
N VAL A 13 2.84 32.96 -3.07
CA VAL A 13 2.45 32.11 -4.19
C VAL A 13 3.61 31.93 -5.15
N GLU A 14 4.35 33.01 -5.43
CA GLU A 14 5.49 32.92 -6.34
C GLU A 14 6.56 31.99 -5.79
N ARG A 15 6.81 32.04 -4.48
CA ARG A 15 7.77 31.11 -3.88
C ARG A 15 7.29 29.68 -4.02
N SER A 16 5.99 29.44 -3.83
CA SER A 16 5.45 28.09 -3.97
C SER A 16 5.64 27.56 -5.38
N LYS A 17 5.40 28.39 -6.38
CA LYS A 17 5.57 27.95 -7.77
C LYS A 17 7.03 27.67 -8.09
N MET A 18 7.92 28.43 -7.45
CA MET A 18 9.35 28.16 -7.60
C MET A 18 9.71 26.92 -6.78
N ILE A 19 8.81 26.51 -5.87
CA ILE A 19 8.90 25.22 -5.18
C ILE A 19 8.41 24.10 -6.11
N GLU A 20 7.16 24.24 -6.57
CA GLU A 20 6.52 23.35 -7.53
C GLU A 20 7.50 22.93 -8.63
N LYS A 21 8.31 23.88 -9.11
CA LYS A 21 9.28 23.56 -10.16
C LYS A 21 10.30 22.54 -9.68
N GLN A 22 10.78 22.68 -8.44
CA GLN A 22 11.73 21.73 -7.90
C GLN A 22 11.13 20.35 -7.75
N LEU A 23 9.88 20.30 -7.29
CA LEU A 23 9.17 19.05 -7.08
C LEU A 23 8.94 18.35 -8.41
N GLN A 24 8.87 19.14 -9.48
CA GLN A 24 8.66 18.58 -10.81
C GLN A 24 9.98 18.04 -11.33
N LYS A 25 11.09 18.61 -10.85
CA LYS A 25 12.41 18.16 -11.24
C LYS A 25 12.71 16.87 -10.49
N ASP A 26 12.24 16.79 -9.26
CA ASP A 26 12.43 15.60 -8.44
C ASP A 26 11.58 14.44 -8.94
N LYS A 27 10.38 14.75 -9.46
CA LYS A 27 9.52 13.69 -10.00
C LYS A 27 10.14 13.04 -11.22
N GLN A 28 10.96 13.79 -11.96
CA GLN A 28 11.63 13.22 -13.12
C GLN A 28 12.65 12.17 -12.71
N VAL A 29 13.28 12.34 -11.55
CA VAL A 29 14.27 11.38 -11.07
C VAL A 29 13.62 10.24 -10.32
N TYR A 30 12.57 10.52 -9.56
CA TYR A 30 11.90 9.47 -8.80
C TYR A 30 11.29 8.43 -9.72
N ARG A 31 10.69 8.85 -10.84
CA ARG A 31 10.07 7.93 -11.76
C ARG A 31 11.08 7.19 -12.64
N ALA A 32 12.26 7.78 -12.85
CA ALA A 32 13.26 7.12 -13.68
C ALA A 32 13.85 5.89 -13.00
N THR A 33 14.04 5.94 -11.69
CA THR A 33 14.64 4.84 -10.95
C THR A 33 13.58 3.87 -10.46
N HIS A 34 13.96 2.60 -10.40
CA HIS A 34 13.09 1.54 -9.91
C HIS A 34 13.64 1.01 -8.59
N ARG A 35 12.80 1.02 -7.56
CA ARG A 35 13.22 0.62 -6.23
C ARG A 35 12.95 -0.86 -6.03
N LEU A 36 13.95 -1.57 -5.53
CA LEU A 36 13.86 -3.01 -5.31
C LEU A 36 14.20 -3.33 -3.86
N LEU A 37 13.39 -4.15 -3.24
CA LEU A 37 13.64 -4.61 -1.87
C LEU A 37 14.32 -5.96 -1.92
N LEU A 38 15.44 -6.08 -1.23
CA LEU A 38 16.24 -7.30 -1.22
C LEU A 38 16.07 -8.01 0.11
N LEU A 39 15.38 -9.14 0.09
CA LEU A 39 15.18 -9.95 1.27
C LEU A 39 16.22 -11.07 1.30
N GLY A 40 16.06 -11.99 2.24
CA GLY A 40 16.99 -13.10 2.37
C GLY A 40 17.55 -13.24 3.77
N ALA A 41 17.78 -14.48 4.20
CA ALA A 41 18.27 -14.74 5.54
C ALA A 41 19.79 -14.64 5.57
N ASP A 42 20.40 -15.01 6.70
CA ASP A 42 21.85 -14.90 6.84
C ASP A 42 22.57 -15.96 6.03
N ASN A 43 22.00 -17.15 5.90
CA ASN A 43 22.68 -18.22 5.17
C ASN A 43 22.82 -17.91 3.69
N SER A 44 21.86 -17.18 3.12
CA SER A 44 21.91 -16.85 1.70
C SER A 44 23.06 -15.91 1.41
N GLY A 45 23.57 -15.98 0.18
CA GLY A 45 24.67 -15.14 -0.24
C GLY A 45 24.20 -13.75 -0.66
N LYS A 46 23.35 -13.15 0.16
CA LYS A 46 22.80 -11.84 -0.15
C LYS A 46 23.91 -10.79 -0.23
N SER A 47 24.83 -10.81 0.74
CA SER A 47 25.93 -9.86 0.72
C SER A 47 26.83 -10.07 -0.50
N THR A 48 27.07 -11.32 -0.86
CA THR A 48 27.89 -11.61 -2.04
C THR A 48 27.22 -11.08 -3.30
N ILE A 49 25.90 -11.26 -3.42
CA ILE A 49 25.18 -10.75 -4.58
C ILE A 49 25.26 -9.24 -4.63
N VAL A 50 25.09 -8.59 -3.47
CA VAL A 50 25.19 -7.13 -3.41
C VAL A 50 26.57 -6.68 -3.87
N LYS A 51 27.63 -7.31 -3.35
CA LYS A 51 28.99 -6.93 -3.73
C LYS A 51 29.23 -7.15 -5.21
N GLN A 52 28.73 -8.27 -5.76
CA GLN A 52 28.92 -8.55 -7.18
C GLN A 52 28.28 -7.49 -8.05
N MET A 53 27.02 -7.15 -7.77
CA MET A 53 26.37 -6.13 -8.59
C MET A 53 26.95 -4.74 -8.35
N ARG A 54 27.46 -4.46 -7.16
CA ARG A 54 28.01 -3.14 -6.89
C ARG A 54 29.35 -2.95 -7.59
N ILE A 55 30.22 -3.96 -7.54
CA ILE A 55 31.51 -3.86 -8.23
C ILE A 55 31.32 -3.91 -9.74
N TYR A 56 30.39 -4.75 -10.22
CA TYR A 56 30.20 -4.89 -11.66
C TYR A 56 29.71 -3.58 -12.28
N HIS A 57 28.67 -2.99 -11.72
CA HIS A 57 28.10 -1.75 -12.22
C HIS A 57 28.11 -0.70 -11.11
N VAL A 58 28.79 0.42 -11.36
CA VAL A 58 28.92 1.56 -10.45
C VAL A 58 28.90 1.18 -8.97
N VAL A 179 26.74 5.47 10.58
CA VAL A 179 26.49 4.30 9.76
C VAL A 179 26.72 3.03 10.56
N LYS A 180 26.79 3.18 11.88
CA LYS A 180 27.02 2.04 12.77
C LYS A 180 25.76 1.21 12.98
N THR A 181 24.61 1.85 13.11
CA THR A 181 23.35 1.14 13.34
C THR A 181 22.35 1.44 12.25
N SER A 182 22.82 1.55 11.01
CA SER A 182 21.94 1.86 9.88
C SER A 182 20.90 0.76 9.70
N GLY A 183 19.64 1.17 9.54
CA GLY A 183 18.57 0.21 9.35
C GLY A 183 18.36 -0.21 7.92
N ILE A 184 18.79 0.63 6.98
CA ILE A 184 18.66 0.36 5.56
C ILE A 184 19.97 0.68 4.86
N PHE A 185 20.45 -0.25 4.05
CA PHE A 185 21.57 -0.03 3.15
C PHE A 185 21.03 0.06 1.73
N GLU A 186 21.47 1.07 1.00
CA GLU A 186 20.98 1.34 -0.34
C GLU A 186 22.15 1.24 -1.32
N THR A 187 21.97 0.46 -2.37
CA THR A 187 22.94 0.39 -3.46
C THR A 187 22.22 0.65 -4.78
N LYS A 188 22.78 1.54 -5.59
CA LYS A 188 22.19 1.89 -6.87
C LYS A 188 23.10 1.38 -7.98
N PHE A 189 22.53 0.59 -8.88
CA PHE A 189 23.28 0.05 -10.02
C PHE A 189 22.54 0.34 -11.30
N GLN A 190 23.30 0.73 -12.32
CA GLN A 190 22.74 1.12 -13.61
C GLN A 190 23.10 0.08 -14.65
N VAL A 191 22.08 -0.48 -15.30
CA VAL A 191 22.26 -1.45 -16.38
C VAL A 191 21.47 -0.97 -17.58
N ASP A 192 22.09 -1.02 -18.75
CA ASP A 192 21.46 -0.55 -19.99
C ASP A 192 20.94 0.87 -19.84
N LYS A 193 21.70 1.69 -19.12
CA LYS A 193 21.38 3.10 -18.89
C LYS A 193 20.04 3.27 -18.17
N VAL A 194 19.66 2.32 -17.32
CA VAL A 194 18.53 2.50 -16.42
C VAL A 194 19.01 2.18 -15.01
N ASN A 195 18.51 2.94 -14.04
CA ASN A 195 19.00 2.90 -12.67
C ASN A 195 18.04 2.09 -11.79
N PHE A 196 18.60 1.16 -11.01
CA PHE A 196 17.86 0.41 -10.02
C PHE A 196 18.42 0.73 -8.65
N HIS A 197 17.52 0.99 -7.70
CA HIS A 197 17.89 1.33 -6.32
C HIS A 197 17.41 0.20 -5.43
N MET A 198 18.36 -0.58 -4.90
CA MET A 198 18.05 -1.77 -4.12
C MET A 198 18.39 -1.53 -2.66
N PHE A 199 17.44 -1.84 -1.78
CA PHE A 199 17.57 -1.61 -0.35
C PHE A 199 17.54 -2.95 0.38
N ASP A 200 18.49 -3.15 1.29
CA ASP A 200 18.46 -4.29 2.18
C ASP A 200 18.53 -3.79 3.63
N VAL A 201 17.72 -4.40 4.49
CA VAL A 201 17.64 -3.93 5.87
C VAL A 201 18.94 -4.24 6.60
N GLY A 202 19.33 -3.35 7.51
CA GLY A 202 20.52 -3.54 8.30
C GLY A 202 20.20 -3.81 9.76
N ALA A 203 20.36 -2.79 10.60
CA ALA A 203 20.11 -2.94 12.04
C ALA A 203 18.61 -2.85 12.30
N GLN A 204 17.93 -3.96 12.05
CA GLN A 204 16.50 -4.06 12.30
C GLN A 204 16.22 -5.35 13.06
N ARG A 205 15.18 -5.32 13.88
CA ARG A 205 14.79 -6.52 14.61
C ARG A 205 14.20 -7.57 13.67
N ASP A 206 14.18 -8.81 14.15
CA ASP A 206 13.72 -9.92 13.34
C ASP A 206 12.23 -9.84 13.03
N GLU A 207 11.48 -9.01 13.74
CA GLU A 207 10.07 -8.83 13.45
C GLU A 207 9.90 -7.85 12.29
N ARG A 208 9.43 -8.36 11.15
CA ARG A 208 9.26 -7.57 9.94
C ARG A 208 7.82 -7.20 9.68
N ARG A 209 6.94 -7.37 10.67
CA ARG A 209 5.51 -7.20 10.44
C ARG A 209 5.19 -5.76 10.06
N LYS A 210 5.88 -4.80 10.66
CA LYS A 210 5.53 -3.38 10.50
C LYS A 210 6.33 -2.68 9.42
N TRP A 211 7.66 -2.80 9.43
CA TRP A 211 8.46 -2.05 8.46
C TRP A 211 8.40 -2.62 7.06
N ILE A 212 7.81 -3.81 6.87
CA ILE A 212 7.67 -4.34 5.52
C ILE A 212 6.59 -3.60 4.74
N GLN A 213 5.70 -2.89 5.43
CA GLN A 213 4.66 -2.15 4.74
C GLN A 213 5.20 -0.92 4.01
N CYS A 214 6.41 -0.47 4.36
CA CYS A 214 7.02 0.67 3.68
C CYS A 214 7.42 0.35 2.24
N PHE A 215 7.43 -0.92 1.85
CA PHE A 215 7.86 -1.34 0.53
C PHE A 215 6.70 -1.84 -0.33
N ASN A 216 5.55 -1.18 -0.23
CA ASN A 216 4.43 -1.55 -1.08
C ASN A 216 4.56 -1.04 -2.51
N ASP A 217 5.43 -0.05 -2.74
CA ASP A 217 5.55 0.59 -4.05
C ASP A 217 6.91 0.33 -4.67
N VAL A 218 7.48 -0.82 -4.41
CA VAL A 218 8.74 -1.21 -5.03
C VAL A 218 8.44 -1.97 -6.31
N THR A 219 9.36 -1.88 -7.27
CA THR A 219 9.17 -2.58 -8.54
C THR A 219 9.16 -4.09 -8.34
N ALA A 220 10.08 -4.61 -7.54
CA ALA A 220 10.19 -6.04 -7.32
C ALA A 220 10.86 -6.30 -5.98
N ILE A 221 10.70 -7.53 -5.50
CA ILE A 221 11.32 -7.99 -4.27
C ILE A 221 12.30 -9.10 -4.64
N ILE A 222 13.58 -8.87 -4.44
CA ILE A 222 14.59 -9.87 -4.71
C ILE A 222 14.70 -10.78 -3.49
N PHE A 223 14.20 -12.01 -3.62
CA PHE A 223 14.14 -12.97 -2.52
C PHE A 223 15.25 -13.99 -2.74
N VAL A 224 16.38 -13.78 -2.08
CA VAL A 224 17.53 -14.69 -2.21
C VAL A 224 17.37 -15.83 -1.22
N VAL A 225 17.54 -17.06 -1.70
CA VAL A 225 17.40 -18.25 -0.88
C VAL A 225 18.66 -19.09 -1.05
N ASP A 226 19.20 -19.57 0.08
CA ASP A 226 20.32 -20.51 0.05
C ASP A 226 19.75 -21.88 -0.27
N SER A 227 19.93 -22.33 -1.50
CA SER A 227 19.41 -23.62 -1.93
C SER A 227 20.28 -24.78 -1.49
N SER A 228 21.45 -24.52 -0.91
CA SER A 228 22.33 -25.59 -0.48
C SER A 228 21.82 -26.27 0.79
N ASP A 229 21.74 -25.50 1.88
CA ASP A 229 21.39 -26.08 3.17
C ASP A 229 19.89 -26.30 3.28
N TYR A 230 19.50 -27.33 4.04
CA TYR A 230 18.09 -27.67 4.18
C TYR A 230 17.55 -27.53 5.59
N ASN A 231 18.41 -27.14 6.52
CA ASN A 231 18.00 -26.97 7.91
C ASN A 231 17.07 -25.78 8.02
N ARG A 232 17.24 -24.82 7.12
CA ARG A 232 16.43 -23.61 7.14
C ARG A 232 15.70 -23.38 5.82
N LEU A 233 15.74 -24.38 4.94
CA LEU A 233 15.06 -24.26 3.65
C LEU A 233 13.59 -23.95 3.85
N GLN A 234 12.94 -24.75 4.69
CA GLN A 234 11.52 -24.56 4.98
C GLN A 234 11.25 -23.22 5.62
N GLU A 235 12.22 -22.69 6.37
CA GLU A 235 12.11 -21.32 6.88
C GLU A 235 12.02 -20.32 5.74
N ALA A 236 12.83 -20.51 4.70
CA ALA A 236 12.75 -19.65 3.53
C ALA A 236 11.40 -19.80 2.83
N LEU A 237 10.87 -21.02 2.77
CA LEU A 237 9.57 -21.23 2.16
C LEU A 237 8.49 -20.49 2.93
N ASN A 238 8.55 -20.54 4.27
CA ASN A 238 7.56 -19.82 5.08
C ASN A 238 7.71 -18.31 4.93
N ASP A 239 8.95 -17.82 4.85
CA ASP A 239 9.15 -16.39 4.63
C ASP A 239 8.56 -15.96 3.29
N PHE A 240 8.79 -16.76 2.25
CA PHE A 240 8.22 -16.46 0.94
C PHE A 240 6.69 -16.49 0.99
N LYS A 241 6.12 -17.46 1.70
CA LYS A 241 4.66 -17.54 1.80
C LYS A 241 4.10 -16.32 2.51
N SER A 242 4.75 -15.88 3.59
CA SER A 242 4.28 -14.71 4.32
C SER A 242 4.40 -13.45 3.47
N ILE A 243 5.51 -13.31 2.73
CA ILE A 243 5.67 -12.15 1.86
C ILE A 243 4.62 -12.15 0.75
N TRP A 244 4.37 -13.32 0.17
CA TRP A 244 3.46 -13.41 -0.98
C TRP A 244 2.03 -13.04 -0.58
N ASN A 245 1.52 -13.65 0.48
CA ASN A 245 0.12 -13.47 0.85
C ASN A 245 -0.08 -12.34 1.85
N ASN A 246 0.52 -11.18 1.58
CA ASN A 246 0.41 -10.02 2.45
C ASN A 246 -0.43 -8.95 1.77
N ARG A 247 -1.39 -8.40 2.51
CA ARG A 247 -2.33 -7.46 1.91
C ARG A 247 -1.64 -6.23 1.36
N TRP A 248 -0.64 -5.71 2.06
CA TRP A 248 0.09 -4.56 1.59
C TRP A 248 1.27 -4.92 0.69
N LEU A 249 1.60 -6.20 0.58
CA LEU A 249 2.67 -6.64 -0.31
C LEU A 249 2.14 -7.36 -1.55
N ARG A 250 0.83 -7.49 -1.69
CA ARG A 250 0.27 -8.02 -2.92
C ARG A 250 0.56 -7.06 -4.08
N THR A 251 0.28 -7.53 -5.29
CA THR A 251 0.54 -6.80 -6.53
C THR A 251 2.01 -6.41 -6.66
N ILE A 252 2.90 -7.12 -5.97
CA ILE A 252 4.34 -6.90 -6.08
C ILE A 252 4.98 -8.22 -6.50
N SER A 253 5.73 -8.18 -7.60
CA SER A 253 6.39 -9.38 -8.10
C SER A 253 7.69 -9.62 -7.35
N VAL A 254 8.07 -10.90 -7.27
CA VAL A 254 9.29 -11.30 -6.57
C VAL A 254 10.25 -11.91 -7.59
N ILE A 255 11.49 -11.45 -7.59
CA ILE A 255 12.54 -12.03 -8.40
C ILE A 255 13.26 -13.03 -7.51
N LEU A 256 12.78 -14.27 -7.50
CA LEU A 256 13.34 -15.28 -6.64
C LEU A 256 14.71 -15.72 -7.12
N PHE A 257 15.70 -15.62 -6.25
CA PHE A 257 17.05 -16.06 -6.54
C PHE A 257 17.36 -17.26 -5.67
N LEU A 258 17.74 -18.36 -6.30
CA LEU A 258 18.15 -19.57 -5.59
C LEU A 258 19.67 -19.63 -5.65
N ASN A 259 20.30 -18.96 -4.69
CA ASN A 259 21.74 -18.73 -4.73
C ASN A 259 22.51 -19.98 -4.33
N LYS A 260 23.80 -19.98 -4.68
CA LYS A 260 24.74 -21.03 -4.32
C LYS A 260 24.25 -22.39 -4.83
N GLN A 261 24.10 -22.49 -6.14
CA GLN A 261 23.74 -23.75 -6.75
C GLN A 261 24.91 -24.73 -6.76
N ASP A 262 26.15 -24.21 -6.76
CA ASP A 262 27.30 -25.09 -6.71
C ASP A 262 27.32 -25.91 -5.43
N LEU A 263 27.17 -25.23 -4.29
CA LEU A 263 27.19 -25.94 -3.01
C LEU A 263 26.10 -27.00 -2.96
N LEU A 264 24.93 -26.69 -3.52
CA LEU A 264 23.89 -27.70 -3.64
C LEU A 264 24.36 -28.86 -4.51
N ALA A 265 25.12 -28.56 -5.57
CA ALA A 265 25.61 -29.63 -6.44
C ALA A 265 26.52 -30.59 -5.67
N GLU A 266 27.51 -30.07 -4.93
CA GLU A 266 28.34 -31.00 -4.16
C GLU A 266 27.55 -31.67 -3.05
N LYS A 267 26.62 -30.97 -2.41
CA LYS A 267 25.87 -31.57 -1.31
C LYS A 267 25.02 -32.74 -1.79
N VAL A 268 24.39 -32.60 -2.96
CA VAL A 268 23.54 -33.68 -3.47
C VAL A 268 24.34 -34.74 -4.20
N LEU A 269 25.52 -34.40 -4.71
CA LEU A 269 26.34 -35.40 -5.40
C LEU A 269 26.99 -36.36 -4.41
N ALA A 270 27.43 -35.84 -3.27
CA ALA A 270 28.04 -36.69 -2.25
C ALA A 270 27.06 -37.67 -1.65
N GLY A 271 25.76 -37.40 -1.75
CA GLY A 271 24.76 -38.32 -1.23
C GLY A 271 24.82 -38.52 0.27
N LYS A 272 25.13 -37.45 1.01
CA LYS A 272 25.19 -37.53 2.46
C LYS A 272 23.93 -37.01 3.15
N SER A 273 23.27 -36.02 2.54
CA SER A 273 22.02 -35.48 3.07
C SER A 273 20.89 -35.85 2.11
N LYS A 274 19.91 -36.57 2.62
CA LYS A 274 18.77 -37.02 1.81
C LYS A 274 17.68 -35.96 1.83
N ILE A 275 17.19 -35.60 0.64
CA ILE A 275 16.19 -34.55 0.54
C ILE A 275 14.87 -34.99 1.16
N GLU A 276 14.54 -36.27 0.99
CA GLU A 276 13.28 -36.79 1.52
C GLU A 276 13.23 -36.75 3.04
N ASP A 277 14.39 -36.61 3.70
CA ASP A 277 14.38 -36.46 5.15
C ASP A 277 13.66 -35.19 5.57
N TYR A 278 13.88 -34.10 4.83
CA TYR A 278 13.24 -32.82 5.14
C TYR A 278 11.94 -32.64 4.37
N PHE A 279 11.96 -32.89 3.06
CA PHE A 279 10.76 -32.82 2.24
C PHE A 279 10.41 -34.22 1.74
N PRO A 280 9.45 -34.91 2.35
CA PRO A 280 9.15 -36.29 1.95
C PRO A 280 8.63 -36.42 0.52
N GLU A 281 8.12 -35.33 -0.07
CA GLU A 281 7.57 -35.39 -1.42
C GLU A 281 8.64 -35.49 -2.50
N PHE A 282 9.93 -35.32 -2.15
CA PHE A 282 10.99 -35.42 -3.14
C PHE A 282 11.09 -36.83 -3.72
N ALA A 283 10.69 -37.84 -2.96
CA ALA A 283 10.72 -39.21 -3.47
C ALA A 283 9.79 -39.38 -4.66
N ARG A 284 8.58 -38.85 -4.56
CA ARG A 284 7.62 -38.91 -5.66
C ARG A 284 7.70 -37.67 -6.55
N TYR A 285 8.91 -37.35 -7.00
CA TYR A 285 9.13 -36.18 -7.84
C TYR A 285 10.10 -36.53 -8.96
N THR A 286 9.80 -36.05 -10.17
CA THR A 286 10.66 -36.20 -11.32
C THR A 286 10.84 -34.85 -11.99
N THR A 287 11.98 -34.67 -12.63
CA THR A 287 12.26 -33.40 -13.28
C THR A 287 11.24 -33.15 -14.39
N PRO A 288 10.71 -31.93 -14.48
CA PRO A 288 9.68 -31.66 -15.49
C PRO A 288 10.26 -31.71 -16.90
N GLU A 289 9.38 -32.02 -17.86
CA GLU A 289 9.81 -32.06 -19.26
C GLU A 289 10.22 -30.68 -19.75
N ASP A 290 9.59 -29.63 -19.24
CA ASP A 290 9.95 -28.27 -19.60
C ASP A 290 11.26 -27.82 -18.97
N ALA A 291 11.80 -28.56 -18.02
CA ALA A 291 13.04 -28.18 -17.38
C ALA A 291 14.20 -28.25 -18.37
N THR A 292 14.92 -27.14 -18.51
CA THR A 292 16.07 -27.11 -19.40
C THR A 292 17.27 -27.71 -18.68
N PRO A 293 17.93 -28.72 -19.25
CA PRO A 293 19.09 -29.31 -18.58
C PRO A 293 20.30 -28.41 -18.70
N GLU A 294 21.06 -28.36 -17.64
CA GLU A 294 22.33 -27.65 -17.73
C GLU A 294 23.41 -28.61 -18.19
N PRO A 295 24.16 -28.29 -19.25
CA PRO A 295 25.22 -29.21 -19.70
C PRO A 295 26.25 -29.43 -18.61
N GLY A 296 26.72 -30.68 -18.51
CA GLY A 296 27.65 -31.03 -17.46
C GLY A 296 27.05 -31.20 -16.09
N GLU A 297 25.73 -31.26 -15.97
CA GLU A 297 25.05 -31.41 -14.69
C GLU A 297 24.46 -32.80 -14.59
N ASP A 298 24.72 -33.47 -13.48
CA ASP A 298 24.18 -34.80 -13.27
C ASP A 298 22.66 -34.73 -13.06
N PRO A 299 21.93 -35.76 -13.48
CA PRO A 299 20.46 -35.70 -13.37
C PRO A 299 19.95 -35.51 -11.95
N ARG A 300 20.67 -36.03 -10.95
CA ARG A 300 20.24 -35.83 -9.57
C ARG A 300 20.29 -34.35 -9.18
N VAL A 301 21.35 -33.65 -9.62
CA VAL A 301 21.49 -32.23 -9.34
C VAL A 301 20.31 -31.47 -9.95
N THR A 302 19.99 -31.76 -11.21
CA THR A 302 18.88 -31.10 -11.88
C THR A 302 17.56 -31.41 -11.19
N ARG A 303 17.36 -32.66 -10.79
CA ARG A 303 16.10 -33.04 -10.15
C ARG A 303 15.93 -32.29 -8.84
N ALA A 304 16.98 -32.24 -8.01
CA ALA A 304 16.87 -31.52 -6.74
C ALA A 304 16.67 -30.02 -6.95
N LYS A 305 17.42 -29.45 -7.90
CA LYS A 305 17.32 -28.02 -8.18
C LYS A 305 15.91 -27.65 -8.62
N TYR A 306 15.35 -28.39 -9.56
CA TYR A 306 14.01 -28.10 -10.01
C TYR A 306 12.96 -28.48 -8.98
N PHE A 307 13.26 -29.41 -8.07
CA PHE A 307 12.35 -29.65 -6.96
C PHE A 307 12.25 -28.44 -6.05
N ILE A 308 13.39 -27.81 -5.76
CA ILE A 308 13.36 -26.60 -4.94
C ILE A 308 12.61 -25.49 -5.66
N ARG A 309 12.89 -25.32 -6.96
CA ARG A 309 12.20 -24.28 -7.73
C ARG A 309 10.70 -24.51 -7.75
N ASP A 310 10.27 -25.75 -7.98
CA ASP A 310 8.84 -26.06 -8.00
C ASP A 310 8.22 -25.93 -6.61
N GLU A 311 8.98 -26.22 -5.56
CA GLU A 311 8.46 -26.05 -4.21
C GLU A 311 8.17 -24.58 -3.92
N PHE A 312 9.02 -23.69 -4.41
CA PHE A 312 8.72 -22.26 -4.28
C PHE A 312 7.56 -21.86 -5.19
N LEU A 313 7.55 -22.35 -6.42
CA LEU A 313 6.50 -21.96 -7.37
C LEU A 313 5.13 -22.47 -6.96
N ARG A 314 5.07 -23.54 -6.17
CA ARG A 314 3.79 -24.03 -5.69
C ARG A 314 3.11 -23.00 -4.79
N ILE A 315 3.87 -22.38 -3.90
CA ILE A 315 3.33 -21.28 -3.10
C ILE A 315 3.08 -20.06 -3.98
N SER A 316 3.98 -19.80 -4.93
CA SER A 316 3.83 -18.60 -5.76
C SER A 316 2.52 -18.62 -6.55
N THR A 317 2.27 -19.71 -7.27
CA THR A 317 1.11 -19.80 -8.16
C THR A 317 -0.08 -20.46 -7.45
N ALA A 318 -0.46 -19.85 -6.33
CA ALA A 318 -1.62 -20.30 -5.58
C ALA A 318 -2.60 -19.18 -5.23
N SER A 319 -2.15 -17.94 -5.11
CA SER A 319 -3.05 -16.84 -4.80
C SER A 319 -2.79 -15.56 -5.59
N GLY A 320 -1.77 -15.53 -6.46
CA GLY A 320 -1.48 -14.30 -7.19
C GLY A 320 -2.61 -13.89 -8.10
N ASP A 321 -3.17 -14.85 -8.85
CA ASP A 321 -4.29 -14.61 -9.76
C ASP A 321 -3.97 -13.50 -10.76
N GLY A 322 -2.72 -13.46 -11.21
CA GLY A 322 -2.28 -12.50 -12.19
C GLY A 322 -1.90 -11.14 -11.64
N ARG A 323 -2.17 -10.88 -10.36
CA ARG A 323 -1.77 -9.60 -9.78
C ARG A 323 -0.25 -9.46 -9.72
N HIS A 324 0.44 -10.53 -9.38
CA HIS A 324 1.90 -10.51 -9.30
C HIS A 324 2.44 -11.89 -9.63
N TYR A 325 3.71 -11.93 -10.04
CA TYR A 325 4.29 -13.11 -10.66
C TYR A 325 5.70 -13.30 -10.14
N CYS A 326 6.16 -14.55 -10.11
CA CYS A 326 7.46 -14.90 -9.56
C CYS A 326 8.44 -15.28 -10.66
N TYR A 327 9.70 -14.91 -10.46
CA TYR A 327 10.75 -15.05 -11.47
C TYR A 327 11.90 -15.84 -10.87
N PRO A 328 11.79 -17.17 -10.81
CA PRO A 328 12.88 -17.97 -10.23
C PRO A 328 14.11 -17.96 -11.11
N HIS A 329 15.28 -18.03 -10.46
CA HIS A 329 16.55 -18.09 -11.15
C HIS A 329 17.51 -18.96 -10.35
N PHE A 330 18.39 -19.66 -11.07
CA PHE A 330 19.42 -20.49 -10.45
C PHE A 330 20.72 -19.71 -10.45
N THR A 331 20.81 -18.76 -9.54
CA THR A 331 21.99 -17.91 -9.44
C THR A 331 23.10 -18.63 -8.69
N CYS A 332 24.32 -18.12 -8.87
CA CYS A 332 25.49 -18.66 -8.19
C CYS A 332 26.30 -17.52 -7.60
N SER A 333 27.51 -17.81 -7.14
CA SER A 333 28.41 -16.77 -6.67
C SER A 333 29.36 -16.29 -7.76
N VAL A 334 29.79 -17.21 -8.63
CA VAL A 334 30.75 -16.86 -9.68
C VAL A 334 30.08 -16.03 -10.78
N ASP A 335 28.82 -16.33 -11.09
CA ASP A 335 28.16 -15.72 -12.24
C ASP A 335 27.99 -14.21 -12.04
N THR A 336 28.00 -13.49 -13.17
CA THR A 336 27.85 -12.04 -13.16
C THR A 336 26.58 -11.57 -13.85
N GLU A 337 25.71 -12.47 -14.27
CA GLU A 337 24.51 -12.11 -15.01
C GLU A 337 23.32 -11.80 -14.11
N ASN A 338 23.55 -11.59 -12.81
CA ASN A 338 22.44 -11.27 -11.91
C ASN A 338 21.80 -9.94 -12.27
N ALA A 339 22.62 -8.94 -12.60
CA ALA A 339 22.08 -7.63 -12.96
C ALA A 339 21.23 -7.72 -14.22
N ARG A 340 21.70 -8.46 -15.23
CA ARG A 340 20.92 -8.61 -16.46
C ARG A 340 19.62 -9.33 -16.20
N ARG A 341 19.64 -10.37 -15.36
CA ARG A 341 18.42 -11.09 -15.03
C ARG A 341 17.43 -10.17 -14.32
N ILE A 342 17.92 -9.37 -13.37
CA ILE A 342 17.04 -8.44 -12.66
C ILE A 342 16.46 -7.43 -13.63
N PHE A 343 17.27 -6.94 -14.56
CA PHE A 343 16.79 -6.00 -15.57
C PHE A 343 15.67 -6.61 -16.41
N ASN A 344 15.87 -7.84 -16.88
CA ASN A 344 14.85 -8.49 -17.71
C ASN A 344 13.57 -8.74 -16.92
N ASP A 345 13.69 -9.21 -15.68
CA ASP A 345 12.48 -9.45 -14.88
C ASP A 345 11.75 -8.15 -14.56
N CYS A 346 12.49 -7.07 -14.29
CA CYS A 346 11.83 -5.79 -14.04
C CYS A 346 11.12 -5.29 -15.30
N ARG A 347 11.75 -5.47 -16.46
CA ARG A 347 11.11 -5.10 -17.72
C ARG A 347 9.81 -5.87 -17.89
N ASP A 348 9.84 -7.18 -17.62
CA ASP A 348 8.62 -7.97 -17.72
C ASP A 348 7.57 -7.52 -16.71
N ILE A 349 8.00 -7.16 -15.50
CA ILE A 349 7.07 -6.72 -14.47
C ILE A 349 6.34 -5.46 -14.91
N ILE A 350 7.09 -4.49 -15.42
CA ILE A 350 6.47 -3.24 -15.84
C ILE A 350 5.59 -3.45 -17.07
N GLN A 351 6.02 -4.32 -17.99
CA GLN A 351 5.17 -4.65 -19.13
C GLN A 351 3.85 -5.26 -18.68
N ARG A 352 3.90 -6.18 -17.71
CA ARG A 352 2.68 -6.80 -17.21
C ARG A 352 1.80 -5.77 -16.51
N MET A 353 2.41 -4.84 -15.77
CA MET A 353 1.63 -3.79 -15.13
C MET A 353 0.91 -2.92 -16.16
N HIS A 354 1.63 -2.52 -17.21
CA HIS A 354 1.02 -1.70 -18.24
C HIS A 354 -0.10 -2.44 -18.97
N LEU A 355 0.12 -3.73 -19.25
CA LEU A 355 -0.95 -4.53 -19.84
C LEU A 355 -2.14 -4.65 -18.91
N ARG A 356 -1.89 -4.72 -17.59
CA ARG A 356 -2.98 -4.80 -16.63
C ARG A 356 -3.76 -3.50 -16.55
N GLN A 357 -3.10 -2.37 -16.84
CA GLN A 357 -3.84 -1.11 -16.92
C GLN A 357 -4.91 -1.16 -17.98
N TYR A 358 -4.64 -1.81 -19.11
CA TYR A 358 -5.63 -2.00 -20.16
C TYR A 358 -6.54 -3.19 -19.89
N GLU A 359 -6.38 -3.87 -18.77
CA GLU A 359 -7.16 -5.06 -18.42
C GLU A 359 -6.94 -6.19 -19.42
N LEU A 360 -5.83 -6.14 -20.15
CA LEU A 360 -5.53 -7.20 -21.11
C LEU A 360 -5.18 -8.50 -20.39
N LEU A 361 -4.57 -8.41 -19.21
CA LEU A 361 -4.27 -9.58 -18.41
C LEU A 361 -5.38 -9.86 -17.41
N LEU B 22 13.16 -17.81 38.00
CA LEU B 22 12.18 -18.13 36.97
C LEU B 22 11.28 -19.27 37.43
N ASP B 23 11.77 -20.03 38.41
CA ASP B 23 10.98 -21.14 38.94
C ASP B 23 9.68 -20.64 39.58
N GLN B 24 9.76 -19.56 40.36
CA GLN B 24 8.60 -18.98 41.01
C GLN B 24 8.30 -17.57 40.57
N LEU B 25 9.19 -16.93 39.82
CA LEU B 25 8.95 -15.57 39.36
C LEU B 25 7.75 -15.50 38.43
N ARG B 26 7.60 -16.50 37.56
CA ARG B 26 6.46 -16.55 36.66
C ARG B 26 5.15 -16.66 37.43
N GLN B 27 5.11 -17.53 38.44
CA GLN B 27 3.91 -17.68 39.24
C GLN B 27 3.61 -16.41 40.03
N GLU B 28 4.64 -15.76 40.57
CA GLU B 28 4.43 -14.51 41.29
C GLU B 28 3.88 -13.43 40.37
N ALA B 29 4.42 -13.34 39.15
CA ALA B 29 3.90 -12.37 38.19
C ALA B 29 2.45 -12.67 37.83
N GLU B 30 2.12 -13.95 37.65
CA GLU B 30 0.75 -14.31 37.30
C GLU B 30 -0.22 -13.95 38.42
N GLN B 31 0.15 -14.26 39.67
CA GLN B 31 -0.75 -13.94 40.78
C GLN B 31 -0.84 -12.44 41.00
N LEU B 32 0.24 -11.70 40.76
CA LEU B 32 0.18 -10.24 40.87
C LEU B 32 -0.71 -9.64 39.80
N LYS B 33 -0.64 -10.17 38.57
CA LYS B 33 -1.53 -9.73 37.51
C LYS B 33 -2.98 -10.04 37.87
N ASN B 34 -3.23 -11.21 38.46
CA ASN B 34 -4.57 -11.54 38.89
C ASN B 34 -5.07 -10.57 39.95
N GLN B 35 -4.19 -10.21 40.90
CA GLN B 35 -4.58 -9.25 41.93
C GLN B 35 -4.88 -7.88 41.33
N ILE B 36 -4.07 -7.44 40.36
CA ILE B 36 -4.32 -6.16 39.71
C ILE B 36 -5.64 -6.19 38.96
N ARG B 37 -5.93 -7.29 38.27
CA ARG B 37 -7.20 -7.42 37.56
C ARG B 37 -8.37 -7.39 38.53
N ASP B 38 -8.24 -8.07 39.67
CA ASP B 38 -9.32 -8.05 40.66
C ASP B 38 -9.52 -6.66 41.23
N ALA B 39 -8.43 -5.92 41.47
CA ALA B 39 -8.55 -4.55 41.95
C ALA B 39 -9.25 -3.67 40.92
N ARG B 40 -8.90 -3.83 39.65
CA ARG B 40 -9.55 -3.06 38.59
C ARG B 40 -11.03 -3.39 38.50
N LYS B 41 -11.37 -4.68 38.60
CA LYS B 41 -12.78 -5.08 38.55
C LYS B 41 -13.56 -4.50 39.71
N ALA B 42 -12.97 -4.54 40.92
CA ALA B 42 -13.63 -3.94 42.07
C ALA B 42 -13.72 -2.43 41.96
N CYS B 43 -12.83 -1.80 41.19
CA CYS B 43 -12.84 -0.36 41.03
C CYS B 43 -13.84 0.13 39.99
N ALA B 44 -14.54 -0.78 39.30
CA ALA B 44 -15.46 -0.41 38.23
C ALA B 44 -16.89 -0.57 38.75
N ASP B 45 -17.55 0.57 38.98
CA ASP B 45 -18.95 0.54 39.43
C ASP B 45 -19.90 0.38 38.25
N ALA B 46 -19.88 1.36 37.33
CA ALA B 46 -20.76 1.33 36.17
C ALA B 46 -19.99 1.84 34.97
N THR B 47 -20.17 1.16 33.84
CA THR B 47 -19.42 1.52 32.64
C THR B 47 -19.95 2.83 32.06
N LEU B 48 -19.21 3.35 31.08
CA LEU B 48 -19.56 4.62 30.45
C LEU B 48 -20.86 4.55 29.65
N SER B 49 -21.35 3.35 29.34
CA SER B 49 -22.55 3.23 28.52
C SER B 49 -23.78 3.80 29.24
N GLN B 50 -24.02 3.36 30.47
CA GLN B 50 -25.18 3.85 31.20
C GLN B 50 -24.94 5.20 31.87
N ILE B 51 -23.68 5.61 32.02
CA ILE B 51 -23.41 6.92 32.58
C ILE B 51 -23.82 8.01 31.61
N THR B 52 -23.43 7.87 30.34
CA THR B 52 -23.82 8.82 29.30
C THR B 52 -25.03 8.28 28.53
N ASN B 53 -26.10 8.01 29.25
CA ASN B 53 -27.32 7.51 28.64
C ASN B 53 -28.36 8.60 28.41
N ASN B 54 -28.26 9.71 29.13
CA ASN B 54 -29.18 10.82 28.97
C ASN B 54 -28.62 11.94 28.10
N ILE B 55 -27.43 11.77 27.56
CA ILE B 55 -26.81 12.79 26.72
C ILE B 55 -27.40 12.69 25.32
N ASP B 56 -27.78 13.83 24.75
CA ASP B 56 -28.29 13.86 23.40
C ASP B 56 -27.21 13.45 22.42
N PRO B 57 -27.55 12.74 21.34
CA PRO B 57 -26.53 12.31 20.38
C PRO B 57 -25.91 13.49 19.65
N VAL B 58 -24.73 13.24 19.09
CA VAL B 58 -23.99 14.28 18.39
C VAL B 58 -24.79 14.79 17.19
N GLY B 59 -25.48 13.90 16.49
CA GLY B 59 -26.43 14.32 15.48
C GLY B 59 -25.94 14.36 14.04
N ARG B 60 -25.32 13.27 13.58
CA ARG B 60 -25.07 13.04 12.16
C ARG B 60 -24.23 14.18 11.57
N ILE B 61 -22.96 14.20 11.98
CA ILE B 61 -22.03 15.21 11.51
C ILE B 61 -21.74 14.99 10.03
N GLN B 62 -21.87 16.06 9.25
CA GLN B 62 -21.45 16.08 7.85
C GLN B 62 -20.23 16.97 7.71
N MET B 63 -19.16 16.45 7.12
CA MET B 63 -17.94 17.21 6.91
C MET B 63 -17.47 17.01 5.47
N ARG B 64 -16.98 18.08 4.86
CA ARG B 64 -16.60 18.07 3.47
C ARG B 64 -15.14 18.48 3.32
N THR B 65 -14.54 18.07 2.21
CA THR B 65 -13.14 18.36 1.94
C THR B 65 -12.95 19.83 1.58
N ARG B 66 -12.61 20.66 2.56
CA ARG B 66 -12.41 22.07 2.30
C ARG B 66 -11.16 22.30 1.45
N ARG B 67 -10.09 21.55 1.72
CA ARG B 67 -8.84 21.74 1.00
C ARG B 67 -8.31 20.38 0.54
N THR B 68 -7.66 20.39 -0.63
CA THR B 68 -6.97 19.21 -1.14
C THR B 68 -5.54 19.62 -1.46
N LEU B 69 -4.58 19.04 -0.74
CA LEU B 69 -3.18 19.38 -0.86
C LEU B 69 -2.48 18.26 -1.64
N ARG B 70 -1.80 18.64 -2.72
CA ARG B 70 -1.15 17.69 -3.60
C ARG B 70 0.24 18.20 -3.95
N GLY B 71 1.12 17.26 -4.31
CA GLY B 71 2.48 17.58 -4.63
C GLY B 71 3.46 16.51 -4.19
N HIS B 72 2.99 15.56 -3.40
CA HIS B 72 3.80 14.43 -2.98
C HIS B 72 3.76 13.32 -4.03
N LEU B 73 4.92 12.72 -4.28
CA LEU B 73 5.04 11.67 -5.29
C LEU B 73 4.62 10.31 -4.73
N ALA B 74 5.30 9.85 -3.68
CA ALA B 74 4.99 8.57 -3.07
C ALA B 74 3.94 8.76 -1.98
N LYS B 75 3.61 7.67 -1.30
CA LYS B 75 2.56 7.70 -0.29
C LYS B 75 2.93 8.64 0.85
N ILE B 76 1.95 9.41 1.30
CA ILE B 76 2.12 10.29 2.46
C ILE B 76 1.94 9.42 3.70
N TYR B 77 3.00 9.27 4.48
CA TYR B 77 2.91 8.31 5.57
C TYR B 77 2.84 8.98 6.93
N ALA B 78 3.20 10.27 7.05
CA ALA B 78 3.03 10.94 8.33
C ALA B 78 2.67 12.40 8.10
N MET B 79 2.01 12.99 9.10
CA MET B 79 1.73 14.42 9.09
C MET B 79 1.58 14.91 10.51
N HIS B 80 1.70 16.23 10.68
CA HIS B 80 1.55 16.86 11.98
C HIS B 80 1.11 18.30 11.82
N TRP B 81 0.03 18.67 12.51
CA TRP B 81 -0.45 20.05 12.50
C TRP B 81 0.47 20.95 13.32
N GLY B 82 0.50 22.22 12.96
CA GLY B 82 1.21 23.21 13.74
C GLY B 82 0.40 23.71 14.91
N THR B 83 1.09 24.44 15.80
CA THR B 83 0.40 25.03 16.95
C THR B 83 -0.44 26.24 16.55
N ASP B 84 -0.03 26.97 15.51
CA ASP B 84 -0.85 28.06 15.00
C ASP B 84 -2.09 27.55 14.27
N SER B 85 -2.20 26.24 14.06
CA SER B 85 -3.30 25.62 13.33
C SER B 85 -3.38 26.09 11.89
N ARG B 86 -2.27 26.61 11.37
CA ARG B 86 -2.21 27.05 9.98
C ARG B 86 -1.23 26.22 9.16
N LEU B 87 0.03 26.12 9.59
CA LEU B 87 1.02 25.33 8.88
C LEU B 87 0.97 23.89 9.36
N LEU B 88 1.07 22.95 8.41
CA LEU B 88 1.15 21.55 8.76
C LEU B 88 2.27 20.89 7.98
N VAL B 89 3.02 20.01 8.63
CA VAL B 89 4.14 19.31 8.02
C VAL B 89 3.67 17.93 7.58
N SER B 90 4.17 17.47 6.43
CA SER B 90 3.82 16.16 5.91
C SER B 90 5.07 15.47 5.40
N ALA B 91 5.23 14.20 5.77
CA ALA B 91 6.37 13.38 5.39
C ALA B 91 5.87 12.23 4.53
N SER B 92 6.45 12.12 3.33
CA SER B 92 6.07 11.11 2.36
C SER B 92 7.28 10.29 1.94
N GLN B 93 7.00 9.02 1.63
CA GLN B 93 8.01 7.98 1.45
C GLN B 93 8.89 8.19 0.23
N ASP B 94 8.64 9.21 -0.58
CA ASP B 94 9.58 9.59 -1.62
C ASP B 94 10.74 10.40 -1.07
N GLY B 95 10.94 10.33 0.24
CA GLY B 95 11.94 11.14 0.91
C GLY B 95 11.60 12.61 0.87
N LYS B 96 10.34 12.97 1.08
CA LYS B 96 9.93 14.36 0.95
C LYS B 96 9.28 14.84 2.24
N LEU B 97 9.63 16.06 2.63
CA LEU B 97 9.08 16.71 3.82
C LEU B 97 8.60 18.09 3.37
N ILE B 98 7.29 18.31 3.39
CA ILE B 98 6.69 19.52 2.86
C ILE B 98 5.84 20.17 3.94
N ILE B 99 6.01 21.47 4.14
CA ILE B 99 5.20 22.24 5.07
C ILE B 99 4.19 23.04 4.25
N TRP B 100 2.91 22.78 4.49
CA TRP B 100 1.83 23.43 3.77
C TRP B 100 1.21 24.53 4.60
N ASP B 101 0.95 25.66 3.96
CA ASP B 101 0.05 26.68 4.49
C ASP B 101 -1.37 26.25 4.15
N SER B 102 -2.12 25.78 5.15
CA SER B 102 -3.39 25.14 4.89
C SER B 102 -4.41 26.10 4.30
N TYR B 103 -4.38 27.39 4.69
CA TYR B 103 -5.40 28.32 4.25
C TYR B 103 -5.31 28.57 2.74
N THR B 104 -4.12 28.90 2.25
CA THR B 104 -3.92 29.22 0.85
C THR B 104 -3.47 28.05 0.01
N THR B 105 -3.31 26.87 0.62
CA THR B 105 -2.81 25.67 -0.06
C THR B 105 -1.47 25.98 -0.75
N ASN B 106 -0.62 26.70 -0.03
CA ASN B 106 0.71 27.04 -0.51
C ASN B 106 1.73 26.22 0.26
N LYS B 107 2.64 25.57 -0.46
CA LYS B 107 3.65 24.74 0.17
C LYS B 107 4.90 25.55 0.46
N VAL B 108 5.43 25.38 1.67
CA VAL B 108 6.62 26.08 2.13
C VAL B 108 7.64 25.04 2.56
N HIS B 109 8.91 25.28 2.26
CA HIS B 109 10.03 24.49 2.77
C HIS B 109 9.89 23.01 2.38
N ALA B 110 10.02 22.76 1.08
CA ALA B 110 10.12 21.39 0.60
C ALA B 110 11.50 20.85 0.99
N ILE B 111 11.54 20.05 2.04
CA ILE B 111 12.80 19.59 2.63
C ILE B 111 13.12 18.21 2.07
N PRO B 112 14.26 18.03 1.40
CA PRO B 112 14.66 16.69 0.95
C PRO B 112 15.37 15.93 2.06
N LEU B 113 15.11 14.63 2.14
CA LEU B 113 15.67 13.79 3.18
C LEU B 113 16.77 12.90 2.62
N ARG B 114 17.77 12.61 3.45
CA ARG B 114 18.82 11.69 3.04
C ARG B 114 18.29 10.28 2.83
N SER B 115 17.42 9.82 3.73
CA SER B 115 16.83 8.50 3.65
C SER B 115 15.37 8.63 3.22
N SER B 116 15.02 8.03 2.10
CA SER B 116 13.66 8.11 1.57
C SER B 116 12.77 7.02 2.15
N TRP B 117 12.79 6.89 3.48
CA TRP B 117 11.98 5.89 4.16
C TRP B 117 11.38 6.46 5.44
N VAL B 118 11.08 7.76 5.44
CA VAL B 118 10.57 8.41 6.64
C VAL B 118 9.24 7.80 7.04
N MET B 119 9.10 7.49 8.32
CA MET B 119 7.86 6.95 8.86
C MET B 119 7.19 7.86 9.88
N THR B 120 7.79 9.00 10.22
CA THR B 120 7.20 9.88 11.21
C THR B 120 7.70 11.30 10.98
N CYS B 121 6.88 12.27 11.39
CA CYS B 121 7.29 13.67 11.34
C CYS B 121 6.59 14.41 12.47
N ALA B 122 7.30 15.39 13.02
CA ALA B 122 6.78 16.21 14.10
C ALA B 122 7.11 17.66 13.81
N TYR B 123 6.27 18.55 14.35
CA TYR B 123 6.44 19.98 14.17
C TYR B 123 6.56 20.61 15.55
N ALA B 124 7.64 21.35 15.78
CA ALA B 124 7.92 21.87 17.11
C ALA B 124 6.82 22.82 17.55
N PRO B 125 6.48 22.85 18.84
CA PRO B 125 5.46 23.79 19.32
C PRO B 125 5.82 25.23 19.05
N SER B 126 7.10 25.58 19.11
CA SER B 126 7.52 26.92 18.75
C SER B 126 7.52 27.15 17.24
N GLY B 127 7.43 26.08 16.45
CA GLY B 127 7.44 26.21 15.02
C GLY B 127 8.81 26.46 14.41
N ASN B 128 9.88 26.32 15.19
CA ASN B 128 11.22 26.59 14.69
C ASN B 128 11.91 25.35 14.16
N TYR B 129 11.47 24.16 14.56
CA TYR B 129 12.13 22.91 14.16
C TYR B 129 11.10 21.91 13.67
N VAL B 130 11.55 21.01 12.80
CA VAL B 130 10.74 19.90 12.32
C VAL B 130 11.55 18.62 12.45
N ALA B 131 10.96 17.59 13.05
CA ALA B 131 11.62 16.31 13.23
C ALA B 131 11.09 15.30 12.22
N CYS B 132 11.98 14.42 11.75
CA CYS B 132 11.57 13.33 10.90
C CYS B 132 12.50 12.15 11.09
N GLY B 133 11.94 10.96 11.13
CA GLY B 133 12.75 9.76 11.29
C GLY B 133 12.10 8.61 10.54
N GLY B 134 12.89 7.55 10.34
CA GLY B 134 12.36 6.41 9.62
C GLY B 134 13.19 5.14 9.75
N LEU B 135 13.32 4.42 8.65
CA LEU B 135 14.05 3.16 8.65
C LEU B 135 15.56 3.34 8.79
N ASP B 136 16.05 4.56 8.71
CA ASP B 136 17.48 4.81 8.87
C ASP B 136 17.91 4.85 10.34
N ASN B 137 16.98 4.65 11.27
CA ASN B 137 17.24 4.61 12.71
C ASN B 137 17.73 5.95 13.23
N ILE B 138 17.47 7.03 12.50
CA ILE B 138 18.00 8.35 12.83
C ILE B 138 16.85 9.35 12.85
N CYS B 139 16.79 10.15 13.91
CA CYS B 139 15.85 11.26 13.99
C CYS B 139 16.57 12.53 13.57
N SER B 140 16.16 13.11 12.46
CA SER B 140 16.75 14.35 11.95
C SER B 140 15.89 15.52 12.39
N ILE B 141 16.53 16.52 13.00
CA ILE B 141 15.90 17.76 13.41
C ILE B 141 16.37 18.83 12.44
N TYR B 142 15.43 19.44 11.74
CA TYR B 142 15.66 20.47 10.75
C TYR B 142 15.26 21.82 11.32
N ASN B 143 16.15 22.81 11.18
CA ASN B 143 15.90 24.17 11.66
C ASN B 143 15.21 24.95 10.55
N LEU B 144 13.93 25.29 10.76
CA LEU B 144 13.17 26.00 9.74
C LEU B 144 13.65 27.44 9.59
N LYS B 145 13.82 28.14 10.71
CA LYS B 145 14.21 29.54 10.69
C LYS B 145 15.71 29.64 10.89
N THR B 146 16.43 29.94 9.81
CA THR B 146 17.88 30.05 9.85
C THR B 146 18.31 31.29 9.09
N ARG B 147 19.49 31.79 9.46
CA ARG B 147 20.01 33.02 8.83
C ARG B 147 20.28 32.83 7.34
N GLU B 148 20.83 31.69 6.94
CA GLU B 148 21.20 31.50 5.54
C GLU B 148 19.97 31.44 4.64
N GLY B 149 18.81 31.09 5.20
CA GLY B 149 17.56 31.13 4.47
C GLY B 149 17.11 29.80 3.89
N ASN B 150 17.96 28.79 3.89
CA ASN B 150 17.60 27.47 3.38
C ASN B 150 17.54 26.49 4.55
N VAL B 151 16.46 25.71 4.61
CA VAL B 151 16.29 24.74 5.68
C VAL B 151 17.38 23.67 5.56
N ARG B 152 18.01 23.35 6.68
CA ARG B 152 19.07 22.36 6.72
C ARG B 152 18.93 21.53 7.99
N VAL B 153 19.59 20.37 7.98
CA VAL B 153 19.52 19.49 9.14
C VAL B 153 20.28 20.13 10.30
N SER B 154 19.60 20.30 11.42
CA SER B 154 20.23 20.90 12.60
C SER B 154 20.91 19.84 13.46
N ARG B 155 20.29 18.68 13.62
CA ARG B 155 20.87 17.65 14.48
C ARG B 155 20.37 16.27 14.09
N GLU B 156 21.30 15.34 13.91
CA GLU B 156 20.96 13.94 13.66
C GLU B 156 21.15 13.14 14.94
N LEU B 157 20.09 12.50 15.40
CA LEU B 157 20.11 11.70 16.62
C LEU B 157 20.08 10.24 16.22
N ALA B 158 21.18 9.53 16.49
CA ALA B 158 21.35 8.13 16.08
C ALA B 158 21.74 7.31 17.31
N GLY B 159 20.74 6.85 18.04
CA GLY B 159 20.98 5.97 19.18
C GLY B 159 20.13 4.73 19.15
N HIS B 160 19.06 4.75 18.38
CA HIS B 160 18.14 3.62 18.33
C HIS B 160 18.66 2.53 17.42
N THR B 161 18.32 1.29 17.76
CA THR B 161 18.64 0.12 16.95
C THR B 161 17.45 -0.39 16.16
N GLY B 162 16.34 0.34 16.17
CA GLY B 162 15.16 -0.04 15.42
C GLY B 162 14.52 1.18 14.77
N TYR B 163 13.67 0.92 13.79
CA TYR B 163 13.06 2.00 13.03
C TYR B 163 12.25 2.91 13.94
N LEU B 164 12.34 4.22 13.69
CA LEU B 164 11.59 5.19 14.47
C LEU B 164 10.15 5.24 13.96
N SER B 165 9.20 4.94 14.84
CA SER B 165 7.80 4.91 14.47
C SER B 165 7.06 6.20 14.80
N CYS B 166 7.52 6.94 15.81
CA CYS B 166 6.89 8.21 16.15
C CYS B 166 7.91 9.09 16.86
N CYS B 167 7.67 10.39 16.81
CA CYS B 167 8.51 11.36 17.50
C CYS B 167 7.67 12.61 17.75
N ARG B 168 7.86 13.22 18.91
CA ARG B 168 7.10 14.40 19.29
C ARG B 168 8.01 15.38 20.02
N PHE B 169 7.97 16.64 19.62
CA PHE B 169 8.74 17.67 20.30
C PHE B 169 8.15 17.97 21.67
N LEU B 170 9.01 18.07 22.67
CA LEU B 170 8.56 18.35 24.03
C LEU B 170 8.62 19.84 24.35
N ASP B 171 9.82 20.42 24.33
CA ASP B 171 10.00 21.83 24.65
C ASP B 171 11.02 22.46 23.70
N ASP B 172 10.97 22.10 22.42
CA ASP B 172 11.78 22.70 21.37
C ASP B 172 13.26 22.34 21.55
N ASN B 173 13.59 21.68 22.66
CA ASN B 173 14.93 21.16 22.88
C ASN B 173 14.95 19.69 23.30
N GLN B 174 13.86 19.17 23.83
CA GLN B 174 13.73 17.76 24.15
C GLN B 174 12.72 17.13 23.21
N ILE B 175 12.99 15.91 22.77
CA ILE B 175 12.13 15.19 21.83
C ILE B 175 12.01 13.75 22.29
N VAL B 176 10.79 13.23 22.27
CA VAL B 176 10.50 11.86 22.68
C VAL B 176 10.24 11.05 21.42
N THR B 177 11.11 10.09 21.13
CA THR B 177 11.03 9.27 19.93
C THR B 177 10.87 7.81 20.33
N SER B 178 9.88 7.14 19.77
CA SER B 178 9.68 5.71 19.96
C SER B 178 10.23 4.98 18.75
N SER B 179 10.99 3.93 18.98
CA SER B 179 11.64 3.22 17.89
C SER B 179 11.11 1.80 17.77
N GLY B 180 11.62 1.08 16.78
CA GLY B 180 11.27 -0.29 16.53
C GLY B 180 12.02 -1.29 17.37
N ASP B 181 12.91 -0.84 18.25
CA ASP B 181 13.61 -1.71 19.19
C ASP B 181 12.91 -1.77 20.54
N THR B 182 11.58 -1.60 20.54
CA THR B 182 10.73 -1.69 21.72
C THR B 182 11.10 -0.67 22.79
N THR B 183 11.71 0.45 22.42
CA THR B 183 12.16 1.45 23.38
C THR B 183 11.74 2.84 22.94
N CYS B 184 11.41 3.68 23.92
CA CYS B 184 11.25 5.10 23.72
C CYS B 184 12.47 5.82 24.27
N ALA B 185 12.71 7.04 23.78
CA ALA B 185 13.88 7.78 24.21
C ALA B 185 13.57 9.26 24.24
N LEU B 186 13.86 9.89 25.37
CA LEU B 186 13.83 11.34 25.49
C LEU B 186 15.25 11.86 25.26
N TRP B 187 15.41 12.68 24.23
CA TRP B 187 16.71 13.12 23.77
C TRP B 187 17.02 14.53 24.27
N ASP B 188 18.24 14.98 24.00
CA ASP B 188 18.69 16.34 24.28
C ASP B 188 19.32 16.86 22.99
N ILE B 189 18.55 17.60 22.21
CA ILE B 189 18.98 17.99 20.86
C ILE B 189 20.22 18.88 20.91
N GLU B 190 20.32 19.74 21.92
CA GLU B 190 21.45 20.67 22.00
C GLU B 190 22.77 19.90 22.10
N THR B 191 22.82 18.86 22.92
CA THR B 191 24.01 18.05 23.06
C THR B 191 24.03 16.84 22.13
N GLY B 192 22.90 16.47 21.55
CA GLY B 192 22.83 15.35 20.64
C GLY B 192 22.82 13.99 21.29
N GLN B 193 22.80 13.92 22.62
CA GLN B 193 22.85 12.66 23.34
C GLN B 193 21.46 12.27 23.82
N GLN B 194 21.27 10.96 23.98
CA GLN B 194 20.02 10.43 24.51
C GLN B 194 20.00 10.62 26.01
N THR B 195 19.01 11.36 26.51
CA THR B 195 18.95 11.68 27.92
C THR B 195 18.38 10.52 28.73
N THR B 196 17.16 10.08 28.38
CA THR B 196 16.47 9.05 29.15
C THR B 196 15.94 7.99 28.21
N THR B 197 15.97 6.73 28.66
CA THR B 197 15.48 5.61 27.89
C THR B 197 14.31 4.96 28.62
N PHE B 198 13.19 4.83 27.94
CA PHE B 198 11.99 4.19 28.46
C PHE B 198 11.91 2.78 27.87
N THR B 199 12.00 1.78 28.73
CA THR B 199 11.96 0.38 28.34
C THR B 199 10.85 -0.34 29.11
N GLY B 200 10.41 -1.45 28.55
CA GLY B 200 9.35 -2.22 29.17
C GLY B 200 8.41 -2.83 28.15
N HIS B 201 8.43 -2.31 26.94
CA HIS B 201 7.64 -2.87 25.86
C HIS B 201 8.33 -4.09 25.29
N THR B 202 7.56 -5.14 25.00
CA THR B 202 8.11 -6.33 24.39
C THR B 202 8.07 -6.26 22.86
N GLY B 203 7.04 -5.64 22.30
CA GLY B 203 6.98 -5.38 20.88
C GLY B 203 7.42 -3.97 20.55
N ASP B 204 7.73 -3.74 19.28
CA ASP B 204 8.19 -2.42 18.86
C ASP B 204 7.09 -1.38 19.05
N VAL B 205 7.47 -0.20 19.54
CA VAL B 205 6.52 0.85 19.86
C VAL B 205 6.10 1.53 18.57
N MET B 206 4.79 1.60 18.33
CA MET B 206 4.27 2.13 17.08
C MET B 206 3.93 3.61 17.16
N SER B 207 3.46 4.11 18.29
CA SER B 207 3.11 5.52 18.37
C SER B 207 3.26 6.01 19.80
N LEU B 208 3.38 7.33 19.95
CA LEU B 208 3.41 7.95 21.25
C LEU B 208 2.66 9.26 21.20
N SER B 209 2.11 9.66 22.35
CA SER B 209 1.40 10.93 22.49
C SER B 209 1.83 11.59 23.78
N LEU B 210 2.15 12.89 23.70
CA LEU B 210 2.52 13.67 24.86
C LEU B 210 1.28 14.25 25.55
N ALA B 211 1.34 14.33 26.87
CA ALA B 211 0.25 14.92 27.64
C ALA B 211 0.21 16.43 27.41
N PRO B 212 -0.95 17.06 27.65
CA PRO B 212 -1.02 18.52 27.49
C PRO B 212 -0.04 19.28 28.36
N ASP B 213 0.25 18.80 29.57
CA ASP B 213 1.20 19.45 30.45
C ASP B 213 2.65 19.05 30.17
N THR B 214 2.88 18.15 29.22
CA THR B 214 4.22 17.67 28.87
C THR B 214 4.95 17.07 30.06
N ARG B 215 4.20 16.52 31.02
CA ARG B 215 4.77 15.77 32.13
C ARG B 215 4.51 14.28 32.04
N LEU B 216 3.58 13.86 31.19
CA LEU B 216 3.29 12.46 30.95
C LEU B 216 3.30 12.21 29.45
N PHE B 217 3.41 10.94 29.08
CA PHE B 217 3.18 10.55 27.70
C PHE B 217 2.87 9.07 27.66
N VAL B 218 1.99 8.70 26.75
CA VAL B 218 1.61 7.30 26.55
C VAL B 218 2.24 6.81 25.25
N SER B 219 2.55 5.51 25.24
CA SER B 219 3.13 4.86 24.08
C SER B 219 2.36 3.58 23.79
N GLY B 220 1.99 3.40 22.53
CA GLY B 220 1.34 2.18 22.08
C GLY B 220 2.28 1.40 21.17
N ALA B 221 2.50 0.14 21.50
CA ALA B 221 3.43 -0.69 20.74
C ALA B 221 2.77 -1.79 19.93
N CYS B 222 3.54 -2.82 19.61
CA CYS B 222 3.06 -3.95 18.82
C CYS B 222 2.40 -5.04 19.66
N ASP B 223 2.34 -4.83 20.97
CA ASP B 223 1.68 -5.77 21.86
C ASP B 223 0.25 -5.29 22.07
N ALA B 224 -0.46 -5.93 22.98
CA ALA B 224 -1.85 -5.54 23.23
C ALA B 224 -1.95 -4.53 24.36
N SER B 225 -0.88 -3.78 24.61
CA SER B 225 -0.79 -2.92 25.78
C SER B 225 -0.26 -1.55 25.40
N ALA B 226 -0.72 -0.55 26.13
CA ALA B 226 -0.20 0.81 26.06
C ALA B 226 0.38 1.16 27.43
N LYS B 227 1.41 2.00 27.42
CA LYS B 227 2.11 2.32 28.66
C LYS B 227 2.16 3.82 28.87
N LEU B 228 1.76 4.25 30.06
CA LEU B 228 1.89 5.63 30.50
C LEU B 228 3.19 5.78 31.28
N TRP B 229 4.09 6.62 30.76
CA TRP B 229 5.42 6.86 31.30
C TRP B 229 5.49 8.21 32.00
N ASP B 230 6.65 8.49 32.58
CA ASP B 230 6.96 9.80 33.17
C ASP B 230 8.24 10.33 32.54
N VAL B 231 8.13 11.50 31.90
CA VAL B 231 9.28 12.08 31.22
C VAL B 231 10.38 12.48 32.19
N ARG B 232 10.04 12.78 33.44
CA ARG B 232 11.04 13.26 34.38
C ARG B 232 12.05 12.17 34.73
N GLU B 233 11.57 10.94 34.99
CA GLU B 233 12.45 9.86 35.40
C GLU B 233 12.27 8.54 34.64
N GLY B 234 11.21 8.40 33.85
CA GLY B 234 11.00 7.21 33.05
C GLY B 234 10.79 5.94 33.84
N MET B 235 9.93 5.99 34.85
CA MET B 235 9.67 4.83 35.69
C MET B 235 8.37 4.12 35.32
N CYS B 236 7.70 4.55 34.24
CA CYS B 236 6.61 3.80 33.60
C CYS B 236 5.48 3.52 34.59
N ARG B 237 4.79 4.58 34.97
CA ARG B 237 3.67 4.46 35.91
C ARG B 237 2.71 3.33 35.58
N GLN B 238 2.09 3.36 34.40
CA GLN B 238 0.91 2.52 34.22
C GLN B 238 0.97 1.73 32.92
N THR B 239 0.25 0.61 32.91
CA THR B 239 0.11 -0.23 31.74
C THR B 239 -1.36 -0.62 31.59
N PHE B 240 -1.90 -0.42 30.39
CA PHE B 240 -3.28 -0.74 30.08
C PHE B 240 -3.29 -1.84 29.02
N THR B 241 -4.03 -2.92 29.29
CA THR B 241 -4.08 -4.10 28.43
C THR B 241 -5.55 -4.40 28.13
N GLY B 242 -6.04 -3.89 27.01
CA GLY B 242 -7.41 -4.16 26.63
C GLY B 242 -7.58 -4.55 25.17
N HIS B 243 -6.54 -4.37 24.38
CA HIS B 243 -6.61 -4.66 22.95
C HIS B 243 -6.30 -6.13 22.70
N GLU B 244 -6.38 -6.52 21.43
CA GLU B 244 -6.10 -7.89 21.02
C GLU B 244 -4.98 -8.02 20.01
N SER B 245 -4.58 -6.93 19.37
CA SER B 245 -3.53 -6.97 18.35
C SER B 245 -2.66 -5.73 18.51
N ASP B 246 -1.85 -5.46 17.50
CA ASP B 246 -0.94 -4.32 17.55
C ASP B 246 -1.71 -3.02 17.70
N ILE B 247 -1.13 -2.08 18.44
CA ILE B 247 -1.69 -0.75 18.61
C ILE B 247 -0.90 0.18 17.71
N ASN B 248 -1.58 0.78 16.72
CA ASN B 248 -0.91 1.60 15.72
C ASN B 248 -0.98 3.09 16.02
N ALA B 249 -1.95 3.54 16.80
CA ALA B 249 -2.10 4.96 17.09
C ALA B 249 -2.58 5.16 18.52
N ILE B 250 -2.26 6.34 19.06
CA ILE B 250 -2.60 6.68 20.44
C ILE B 250 -2.67 8.19 20.53
N CYS B 251 -3.53 8.68 21.43
CA CYS B 251 -3.72 10.13 21.60
C CYS B 251 -4.46 10.39 22.91
N PHE B 252 -3.98 11.36 23.68
CA PHE B 252 -4.70 11.77 24.88
C PHE B 252 -6.01 12.48 24.59
N PHE B 253 -6.90 12.43 25.58
CA PHE B 253 -8.02 13.34 25.67
C PHE B 253 -7.51 14.77 25.88
N PRO B 254 -8.28 15.78 25.48
CA PRO B 254 -7.82 17.16 25.68
C PRO B 254 -7.49 17.50 27.13
N ASN B 255 -8.21 16.94 28.09
CA ASN B 255 -7.95 17.24 29.49
C ASN B 255 -6.75 16.48 30.04
N GLY B 256 -6.22 15.50 29.31
CA GLY B 256 -5.08 14.74 29.75
C GLY B 256 -5.36 13.62 30.73
N ASN B 257 -6.62 13.37 31.07
CA ASN B 257 -6.99 12.32 32.01
C ASN B 257 -7.44 11.05 31.32
N ALA B 258 -7.34 10.97 30.00
CA ALA B 258 -7.75 9.80 29.25
C ALA B 258 -7.04 9.80 27.91
N PHE B 259 -7.08 8.66 27.23
CA PHE B 259 -6.48 8.55 25.92
C PHE B 259 -7.15 7.43 25.14
N ALA B 260 -7.19 7.60 23.83
CA ALA B 260 -7.80 6.62 22.93
C ALA B 260 -6.72 5.96 22.09
N THR B 261 -6.87 4.65 21.90
CA THR B 261 -5.91 3.84 21.16
C THR B 261 -6.62 3.16 20.00
N GLY B 262 -6.00 3.21 18.83
CA GLY B 262 -6.47 2.48 17.66
C GLY B 262 -5.55 1.30 17.41
N SER B 263 -6.14 0.12 17.32
CA SER B 263 -5.39 -1.13 17.19
C SER B 263 -5.65 -1.75 15.82
N ASP B 264 -5.00 -2.90 15.61
CA ASP B 264 -5.08 -3.61 14.34
C ASP B 264 -6.24 -4.60 14.30
N ASP B 265 -6.98 -4.76 15.41
CA ASP B 265 -8.15 -5.62 15.43
C ASP B 265 -9.44 -4.88 15.11
N ALA B 266 -9.34 -3.78 14.36
CA ALA B 266 -10.50 -3.01 13.91
C ALA B 266 -11.31 -2.45 15.07
N THR B 267 -10.65 -2.11 16.16
CA THR B 267 -11.34 -1.52 17.32
C THR B 267 -10.54 -0.34 17.83
N CYS B 268 -11.26 0.65 18.35
CA CYS B 268 -10.67 1.73 19.13
C CYS B 268 -11.10 1.57 20.58
N ARG B 269 -10.22 1.95 21.50
CA ARG B 269 -10.52 1.81 22.92
C ARG B 269 -10.15 3.08 23.65
N LEU B 270 -11.03 3.50 24.57
CA LEU B 270 -10.81 4.70 25.36
C LEU B 270 -10.44 4.28 26.78
N PHE B 271 -9.17 4.44 27.13
CA PHE B 271 -8.70 4.20 28.48
C PHE B 271 -8.64 5.52 29.24
N ASP B 272 -8.70 5.42 30.56
CA ASP B 272 -8.64 6.60 31.41
C ASP B 272 -7.52 6.44 32.43
N LEU B 273 -6.71 7.49 32.56
CA LEU B 273 -5.69 7.52 33.58
C LEU B 273 -6.32 7.51 34.97
N ARG B 274 -5.50 7.17 35.97
CA ARG B 274 -5.88 7.17 37.38
C ARG B 274 -7.13 6.34 37.66
N ALA B 275 -7.55 5.51 36.71
CA ALA B 275 -8.66 4.59 36.93
C ALA B 275 -8.29 3.19 36.43
N ASP B 276 -7.39 3.12 35.45
CA ASP B 276 -6.92 1.87 34.87
C ASP B 276 -8.09 0.98 34.45
N GLN B 277 -8.89 1.50 33.53
CA GLN B 277 -10.15 0.85 33.20
C GLN B 277 -10.41 0.92 31.70
N GLU B 278 -11.44 0.21 31.28
CA GLU B 278 -11.98 0.30 29.94
C GLU B 278 -13.23 1.16 29.99
N LEU B 279 -13.22 2.29 29.29
CA LEU B 279 -14.39 3.14 29.23
C LEU B 279 -15.29 2.82 28.04
N MET B 280 -14.73 2.85 26.83
CA MET B 280 -15.53 2.63 25.63
C MET B 280 -14.73 1.82 24.63
N THR B 281 -15.45 1.00 23.88
CA THR B 281 -14.93 0.33 22.69
C THR B 281 -15.71 0.83 21.48
N TYR B 282 -14.98 1.35 20.50
CA TYR B 282 -15.56 1.88 19.27
C TYR B 282 -15.26 0.87 18.16
N SER B 283 -16.27 0.13 17.76
CA SER B 283 -16.13 -0.86 16.71
C SER B 283 -17.51 -1.18 16.14
N HIS B 284 -17.52 -1.71 14.93
CA HIS B 284 -18.75 -2.12 14.27
C HIS B 284 -18.53 -3.46 13.60
N ASP B 285 -19.63 -4.20 13.42
CA ASP B 285 -19.54 -5.52 12.82
C ASP B 285 -19.01 -5.46 11.40
N ASN B 286 -19.41 -4.44 10.64
CA ASN B 286 -18.98 -4.29 9.25
C ASN B 286 -17.61 -3.65 9.12
N ILE B 287 -16.83 -3.60 10.20
CA ILE B 287 -15.47 -3.06 10.17
C ILE B 287 -14.52 -4.20 10.49
N ILE B 288 -13.60 -4.48 9.56
CA ILE B 288 -12.60 -5.52 9.76
C ILE B 288 -11.18 -5.00 9.62
N CYS B 289 -10.95 -3.92 8.90
CA CYS B 289 -9.62 -3.36 8.76
C CYS B 289 -9.20 -2.66 10.05
N GLY B 290 -7.92 -2.75 10.38
CA GLY B 290 -7.42 -2.18 11.60
C GLY B 290 -7.32 -0.67 11.57
N ILE B 291 -7.36 -0.08 12.75
CA ILE B 291 -7.19 1.37 12.87
C ILE B 291 -5.75 1.73 12.50
N THR B 292 -5.56 2.95 12.03
CA THR B 292 -4.24 3.43 11.68
C THR B 292 -3.87 4.73 12.35
N SER B 293 -4.81 5.66 12.51
CA SER B 293 -4.55 6.93 13.17
C SER B 293 -5.76 7.31 14.01
N VAL B 294 -5.50 7.96 15.13
CA VAL B 294 -6.54 8.35 16.08
C VAL B 294 -6.28 9.79 16.51
N SER B 295 -7.36 10.58 16.56
CA SER B 295 -7.25 11.94 17.08
C SER B 295 -8.57 12.32 17.72
N PHE B 296 -8.52 13.37 18.53
CA PHE B 296 -9.69 13.87 19.24
C PHE B 296 -10.08 15.25 18.72
N SER B 297 -11.32 15.64 18.99
CA SER B 297 -11.79 16.97 18.66
C SER B 297 -11.32 17.96 19.74
N LYS B 298 -11.70 19.23 19.56
CA LYS B 298 -11.28 20.25 20.50
C LYS B 298 -11.86 19.99 21.89
N SER B 299 -13.12 19.62 21.97
CA SER B 299 -13.77 19.33 23.23
C SER B 299 -13.69 17.85 23.60
N GLY B 300 -13.12 17.02 22.75
CA GLY B 300 -13.03 15.60 23.02
C GLY B 300 -14.30 14.82 22.80
N ARG B 301 -15.35 15.47 22.29
CA ARG B 301 -16.60 14.76 22.05
C ARG B 301 -16.52 13.86 20.83
N LEU B 302 -15.74 14.25 19.82
CA LEU B 302 -15.61 13.49 18.59
C LEU B 302 -14.24 12.82 18.55
N LEU B 303 -14.22 11.54 18.20
CA LEU B 303 -12.99 10.79 17.99
C LEU B 303 -12.87 10.45 16.51
N LEU B 304 -11.86 11.01 15.85
CA LEU B 304 -11.64 10.79 14.44
C LEU B 304 -10.61 9.67 14.30
N ALA B 305 -11.05 8.54 13.73
CA ALA B 305 -10.20 7.38 13.54
C ALA B 305 -10.09 7.05 12.06
N GLY B 306 -8.86 6.97 11.57
CA GLY B 306 -8.62 6.58 10.20
C GLY B 306 -8.43 5.07 10.10
N TYR B 307 -8.95 4.50 9.02
CA TYR B 307 -8.99 3.05 8.85
C TYR B 307 -8.21 2.65 7.62
N ASP B 308 -8.08 1.34 7.43
CA ASP B 308 -7.43 0.79 6.25
C ASP B 308 -8.39 0.57 5.09
N ASP B 309 -9.69 0.75 5.31
CA ASP B 309 -10.67 0.68 4.22
C ASP B 309 -10.91 2.03 3.56
N PHE B 310 -9.91 2.92 3.61
CA PHE B 310 -9.92 4.20 2.90
C PHE B 310 -10.89 5.20 3.53
N ASN B 311 -11.18 5.06 4.82
CA ASN B 311 -12.18 5.88 5.48
C ASN B 311 -11.58 6.48 6.75
N CYS B 312 -12.29 7.45 7.31
CA CYS B 312 -11.91 8.16 8.53
C CYS B 312 -13.11 8.28 9.47
N ASN B 313 -13.78 7.15 9.73
CA ASN B 313 -14.99 7.10 10.54
C ASN B 313 -14.87 7.97 11.79
N VAL B 314 -15.91 8.76 12.03
CA VAL B 314 -15.97 9.67 13.17
C VAL B 314 -16.91 9.09 14.21
N TRP B 315 -16.45 8.99 15.45
CA TRP B 315 -17.20 8.38 16.53
C TRP B 315 -17.59 9.43 17.57
N ASP B 316 -18.76 9.24 18.15
CA ASP B 316 -19.16 10.01 19.33
C ASP B 316 -18.48 9.37 20.54
N ALA B 317 -17.55 10.10 21.16
CA ALA B 317 -16.72 9.50 22.20
C ALA B 317 -17.55 9.06 23.40
N LEU B 318 -18.59 9.81 23.73
CA LEU B 318 -19.37 9.53 24.94
C LEU B 318 -20.48 8.52 24.73
N LYS B 319 -20.82 8.18 23.49
CA LYS B 319 -21.90 7.25 23.22
C LYS B 319 -21.49 6.06 22.37
N ALA B 320 -20.31 6.08 21.76
CA ALA B 320 -19.78 4.96 20.96
C ALA B 320 -20.73 4.59 19.82
N ASP B 321 -20.96 5.56 18.94
CA ASP B 321 -21.70 5.31 17.72
C ASP B 321 -21.13 6.19 16.62
N ARG B 322 -21.08 5.64 15.41
CA ARG B 322 -20.50 6.37 14.29
C ARG B 322 -21.32 7.63 14.01
N ALA B 323 -20.62 8.75 13.83
CA ALA B 323 -21.27 10.02 13.57
C ALA B 323 -21.04 10.55 12.16
N GLY B 324 -20.01 10.08 11.47
CA GLY B 324 -19.72 10.57 10.13
C GLY B 324 -18.57 9.79 9.54
N VAL B 325 -18.51 9.82 8.22
CA VAL B 325 -17.48 9.12 7.45
C VAL B 325 -16.82 10.11 6.52
N LEU B 326 -15.49 10.04 6.43
CA LEU B 326 -14.72 10.90 5.54
C LEU B 326 -14.22 10.05 4.37
N ALA B 327 -14.83 10.25 3.21
CA ALA B 327 -14.47 9.52 2.00
C ALA B 327 -13.40 10.29 1.24
N GLY B 328 -13.20 9.95 -0.03
CA GLY B 328 -12.31 10.73 -0.87
C GLY B 328 -10.85 10.34 -0.81
N HIS B 329 -10.52 9.20 -0.21
CA HIS B 329 -9.16 8.68 -0.22
C HIS B 329 -9.13 7.34 -0.93
N ASP B 330 -8.15 7.16 -1.80
CA ASP B 330 -8.02 5.92 -2.57
C ASP B 330 -7.36 4.82 -1.75
N ASN B 331 -6.21 5.11 -1.15
CA ASN B 331 -5.51 4.13 -0.34
C ASN B 331 -5.73 4.44 1.14
N ARG B 332 -5.04 3.73 2.03
CA ARG B 332 -5.23 3.93 3.45
C ARG B 332 -4.72 5.30 3.87
N VAL B 333 -5.23 5.78 5.01
CA VAL B 333 -4.99 7.16 5.40
C VAL B 333 -3.60 7.33 6.02
N SER B 334 -3.22 6.44 6.93
CA SER B 334 -1.87 6.36 7.47
C SER B 334 -1.49 7.56 8.36
N CYS B 335 -2.33 8.59 8.42
CA CYS B 335 -2.05 9.74 9.27
C CYS B 335 -3.24 10.68 9.25
N LEU B 336 -3.54 11.28 10.41
CA LEU B 336 -4.52 12.34 10.48
C LEU B 336 -4.30 13.13 11.76
N GLY B 337 -4.60 14.42 11.70
CA GLY B 337 -4.44 15.28 12.85
C GLY B 337 -5.52 16.33 12.91
N VAL B 338 -5.72 16.87 14.10
CA VAL B 338 -6.72 17.90 14.35
C VAL B 338 -6.01 19.14 14.86
N THR B 339 -6.42 20.30 14.36
CA THR B 339 -5.77 21.56 14.72
C THR B 339 -5.92 21.83 16.21
N ASP B 340 -5.00 22.64 16.74
CA ASP B 340 -5.03 22.98 18.15
C ASP B 340 -6.31 23.70 18.52
N ASP B 341 -6.77 24.62 17.67
CA ASP B 341 -8.03 25.29 17.89
C ASP B 341 -9.22 24.45 17.43
N GLY B 342 -8.97 23.31 16.78
CA GLY B 342 -10.04 22.40 16.43
C GLY B 342 -10.89 22.83 15.26
N MET B 343 -10.43 23.76 14.44
CA MET B 343 -11.23 24.23 13.32
C MET B 343 -11.37 23.17 12.25
N ALA B 344 -10.30 22.44 11.96
CA ALA B 344 -10.26 21.51 10.83
C ALA B 344 -9.53 20.24 11.24
N VAL B 345 -9.66 19.22 10.38
CA VAL B 345 -8.92 17.97 10.52
C VAL B 345 -8.27 17.65 9.19
N ALA B 346 -6.97 17.37 9.22
CA ALA B 346 -6.22 17.07 8.01
C ALA B 346 -5.81 15.61 8.02
N THR B 347 -6.19 14.88 6.98
CA THR B 347 -5.88 13.46 6.85
C THR B 347 -5.00 13.25 5.63
N GLY B 348 -3.85 12.62 5.84
CA GLY B 348 -3.03 12.15 4.74
C GLY B 348 -3.53 10.80 4.24
N SER B 349 -2.82 10.27 3.25
CA SER B 349 -3.19 8.98 2.69
C SER B 349 -2.02 8.42 1.91
N TRP B 350 -2.15 7.15 1.53
CA TRP B 350 -1.14 6.49 0.74
C TRP B 350 -1.27 6.79 -0.75
N ASP B 351 -2.26 7.58 -1.14
CA ASP B 351 -2.38 8.08 -2.51
C ASP B 351 -1.67 9.41 -2.71
N SER B 352 -0.91 9.86 -1.71
CA SER B 352 -0.10 11.08 -1.78
C SER B 352 -0.95 12.35 -1.84
N PHE B 353 -2.12 12.34 -1.21
CA PHE B 353 -3.01 13.49 -1.19
C PHE B 353 -3.44 13.76 0.24
N LEU B 354 -3.32 15.02 0.67
CA LEU B 354 -3.82 15.45 1.97
C LEU B 354 -5.19 16.09 1.79
N LYS B 355 -6.09 15.81 2.71
CA LYS B 355 -7.44 16.36 2.66
C LYS B 355 -7.75 17.06 3.96
N ILE B 356 -8.14 18.33 3.89
CA ILE B 356 -8.45 19.14 5.06
C ILE B 356 -9.95 19.35 5.08
N TRP B 357 -10.58 18.90 6.17
CA TRP B 357 -12.02 18.92 6.35
C TRP B 357 -12.40 19.89 7.46
N ASN B 358 -13.55 20.51 7.31
CA ASN B 358 -14.07 21.41 8.33
C ASN B 358 -15.57 21.23 8.51
N SER C 4 14.86 -15.01 30.86
CA SER C 4 16.03 -14.87 31.73
C SER C 4 15.62 -14.46 33.13
N ILE C 5 16.53 -14.64 34.09
CA ILE C 5 16.24 -14.27 35.47
C ILE C 5 16.08 -12.76 35.60
N ALA C 6 16.96 -11.99 34.95
CA ALA C 6 16.90 -10.54 35.05
C ALA C 6 15.59 -10.00 34.49
N GLN C 7 15.15 -10.55 33.34
CA GLN C 7 13.91 -10.09 32.73
C GLN C 7 12.72 -10.37 33.65
N ALA C 8 12.67 -11.57 34.24
CA ALA C 8 11.58 -11.90 35.15
C ALA C 8 11.61 -11.02 36.38
N ARG C 9 12.81 -10.75 36.91
CA ARG C 9 12.91 -9.86 38.07
C ARG C 9 12.41 -8.45 37.75
N LYS C 10 12.81 -7.94 36.58
CA LYS C 10 12.34 -6.60 36.18
C LYS C 10 10.83 -6.59 36.02
N LEU C 11 10.27 -7.62 35.39
CA LEU C 11 8.83 -7.67 35.19
C LEU C 11 8.08 -7.74 36.51
N VAL C 12 8.54 -8.59 37.44
CA VAL C 12 7.82 -8.72 38.70
C VAL C 12 7.96 -7.45 39.52
N GLU C 13 9.11 -6.77 39.47
CA GLU C 13 9.25 -5.50 40.16
C GLU C 13 8.32 -4.45 39.56
N GLN C 14 8.19 -4.43 38.23
CA GLN C 14 7.29 -3.49 37.59
C GLN C 14 5.85 -3.73 38.00
N LEU C 15 5.43 -5.00 38.04
CA LEU C 15 4.06 -5.31 38.49
C LEU C 15 3.86 -4.96 39.96
N LYS C 16 4.88 -5.19 40.80
CA LYS C 16 4.75 -4.77 42.20
C LYS C 16 4.56 -3.26 42.30
N MET C 17 5.31 -2.50 41.52
CA MET C 17 5.15 -1.05 41.54
C MET C 17 3.78 -0.64 41.04
N GLU C 18 3.29 -1.29 39.99
CA GLU C 18 2.00 -0.93 39.40
C GLU C 18 0.81 -1.38 40.23
N ALA C 19 1.01 -2.22 41.24
CA ALA C 19 -0.08 -2.72 42.05
C ALA C 19 -0.32 -1.90 43.30
N ASN C 20 0.39 -0.78 43.46
CA ASN C 20 0.26 0.05 44.64
C ASN C 20 -0.38 1.41 44.38
N ILE C 21 -0.56 1.79 43.11
CA ILE C 21 -1.15 3.09 42.82
C ILE C 21 -2.63 3.07 43.16
N ASP C 22 -3.15 4.23 43.54
CA ASP C 22 -4.56 4.38 43.87
C ASP C 22 -5.34 4.80 42.62
N ARG C 23 -6.49 4.17 42.42
CA ARG C 23 -7.31 4.42 41.25
C ARG C 23 -8.71 4.86 41.68
N ILE C 24 -9.24 5.86 40.98
CA ILE C 24 -10.57 6.37 41.28
C ILE C 24 -11.63 5.46 40.63
N LYS C 25 -12.84 5.54 41.16
CA LYS C 25 -13.95 4.76 40.61
C LYS C 25 -14.24 5.20 39.18
N VAL C 26 -14.69 4.24 38.37
CA VAL C 26 -14.92 4.52 36.96
C VAL C 26 -16.07 5.52 36.80
N SER C 27 -17.03 5.52 37.72
CA SER C 27 -18.14 6.46 37.61
C SER C 27 -17.67 7.90 37.74
N LYS C 28 -16.74 8.16 38.66
CA LYS C 28 -16.25 9.52 38.83
C LYS C 28 -15.46 9.97 37.61
N ALA C 29 -14.64 9.08 37.04
CA ALA C 29 -13.91 9.41 35.81
C ALA C 29 -14.88 9.66 34.66
N ALA C 30 -15.94 8.87 34.57
CA ALA C 30 -16.95 9.09 33.53
C ALA C 30 -17.63 10.44 33.70
N ALA C 31 -17.94 10.81 34.96
CA ALA C 31 -18.53 12.11 35.21
C ALA C 31 -17.58 13.23 34.82
N ASP C 32 -16.29 13.07 35.11
CA ASP C 32 -15.31 14.08 34.70
C ASP C 32 -15.24 14.20 33.18
N LEU C 33 -15.28 13.07 32.48
CA LEU C 33 -15.26 13.11 31.02
C LEU C 33 -16.50 13.84 30.49
N MET C 34 -17.67 13.54 31.05
CA MET C 34 -18.89 14.23 30.64
C MET C 34 -18.78 15.73 30.90
N ALA C 35 -18.29 16.11 32.09
CA ALA C 35 -18.19 17.51 32.44
C ALA C 35 -17.25 18.25 31.50
N TYR C 36 -16.12 17.64 31.14
CA TYR C 36 -15.22 18.28 30.20
C TYR C 36 -15.85 18.39 28.82
N CYS C 37 -16.59 17.35 28.39
CA CYS C 37 -17.22 17.40 27.07
C CYS C 37 -18.50 18.21 27.06
N GLU C 38 -19.01 18.62 28.21
CA GLU C 38 -20.19 19.47 28.27
C GLU C 38 -19.85 20.94 28.45
N ALA C 39 -18.75 21.23 29.15
CA ALA C 39 -18.32 22.60 29.40
C ALA C 39 -17.45 23.18 28.29
N HIS C 40 -17.12 22.38 27.27
CA HIS C 40 -16.30 22.86 26.15
C HIS C 40 -16.98 22.64 24.81
N ALA C 41 -18.28 22.32 24.79
CA ALA C 41 -18.96 22.07 23.53
C ALA C 41 -19.07 23.33 22.69
N LYS C 42 -19.28 24.49 23.33
CA LYS C 42 -19.43 25.73 22.57
C LYS C 42 -18.14 26.11 21.85
N GLU C 43 -16.99 25.63 22.34
CA GLU C 43 -15.70 25.97 21.77
C GLU C 43 -15.24 24.93 20.74
N ASP C 44 -16.09 23.95 20.42
CA ASP C 44 -15.73 22.88 19.49
C ASP C 44 -16.23 23.18 18.09
N PRO C 45 -15.35 23.59 17.17
CA PRO C 45 -15.82 23.93 15.82
C PRO C 45 -16.41 22.76 15.06
N LEU C 46 -15.86 21.55 15.25
CA LEU C 46 -16.37 20.40 14.53
C LEU C 46 -17.68 19.90 15.10
N LEU C 47 -17.88 20.03 16.41
CA LEU C 47 -19.12 19.60 17.02
C LEU C 47 -20.30 20.44 16.53
N THR C 48 -20.16 21.76 16.59
CA THR C 48 -21.17 22.68 16.10
C THR C 48 -20.63 23.43 14.90
N PRO C 49 -21.20 23.24 13.71
CA PRO C 49 -20.62 23.86 12.51
C PRO C 49 -20.85 25.37 12.52
N VAL C 50 -19.75 26.12 12.49
CA VAL C 50 -19.81 27.58 12.53
C VAL C 50 -20.22 28.09 11.15
N PRO C 51 -20.85 29.27 11.07
CA PRO C 51 -21.14 29.87 9.76
C PRO C 51 -19.85 30.19 9.02
N ALA C 52 -19.96 30.22 7.68
CA ALA C 52 -18.79 30.39 6.83
C ALA C 52 -18.14 31.76 6.98
N SER C 53 -18.80 32.71 7.65
CA SER C 53 -18.21 34.04 7.82
C SER C 53 -16.90 33.97 8.57
N GLU C 54 -16.89 33.33 9.74
CA GLU C 54 -15.68 33.18 10.52
C GLU C 54 -14.96 31.87 10.25
N ASN C 55 -15.53 31.00 9.44
CA ASN C 55 -14.83 29.78 9.03
C ASN C 55 -13.72 30.17 8.07
N PRO C 56 -12.44 29.89 8.40
CA PRO C 56 -11.34 30.37 7.57
C PRO C 56 -10.96 29.46 6.42
N PHE C 57 -11.57 28.28 6.35
CA PHE C 57 -11.30 27.33 5.29
C PHE C 57 -12.43 27.41 4.27
N ARG C 58 -12.90 28.63 4.03
CA ARG C 58 -13.99 28.88 3.09
C ARG C 58 -15.19 27.97 3.32
N GLN D 1 -5.64 -9.18 28.78
CA GLN D 1 -4.79 -9.13 27.60
C GLN D 1 -4.74 -10.48 26.91
N VAL D 2 -4.02 -10.56 25.79
CA VAL D 2 -3.86 -11.82 25.08
C VAL D 2 -2.94 -12.73 25.87
N GLN D 3 -3.40 -13.96 26.10
CA GLN D 3 -2.63 -14.93 26.85
C GLN D 3 -2.88 -16.32 26.28
N LEU D 4 -1.79 -17.07 26.11
CA LEU D 4 -1.81 -18.40 25.52
C LEU D 4 -1.14 -19.37 26.48
N GLN D 5 -1.91 -20.34 26.98
CA GLN D 5 -1.43 -21.29 27.97
C GLN D 5 -1.32 -22.67 27.34
N GLU D 6 -0.13 -23.25 27.37
CA GLU D 6 0.12 -24.57 26.79
C GLU D 6 0.12 -25.62 27.90
N SER D 7 -0.55 -26.73 27.63
CA SER D 7 -0.65 -27.84 28.58
C SER D 7 -0.38 -29.14 27.84
N GLY D 8 0.11 -30.13 28.59
CA GLY D 8 0.52 -31.40 28.02
C GLY D 8 1.95 -31.38 27.54
N GLY D 9 2.47 -32.57 27.26
CA GLY D 9 3.83 -32.70 26.78
C GLY D 9 4.82 -32.94 27.90
N GLY D 10 5.79 -33.82 27.64
CA GLY D 10 6.80 -34.16 28.63
C GLY D 10 7.68 -35.31 28.17
N LEU D 11 7.99 -36.21 29.10
CA LEU D 11 8.79 -37.38 28.77
C LEU D 11 7.92 -38.43 28.10
N VAL D 12 8.39 -38.98 26.99
CA VAL D 12 7.65 -39.97 26.23
C VAL D 12 8.64 -40.88 25.51
N GLN D 13 8.26 -42.15 25.36
CA GLN D 13 9.10 -43.10 24.65
C GLN D 13 9.11 -42.77 23.16
N PRO D 14 10.17 -43.16 22.45
CA PRO D 14 10.25 -42.85 21.02
C PRO D 14 9.27 -43.66 20.19
N GLY D 15 8.03 -43.18 20.11
CA GLY D 15 6.98 -43.90 19.41
C GLY D 15 5.61 -43.70 20.04
N GLY D 16 5.57 -43.03 21.20
CA GLY D 16 4.32 -42.73 21.84
C GLY D 16 3.60 -41.56 21.19
N SER D 17 2.44 -41.22 21.76
CA SER D 17 1.60 -40.15 21.25
C SER D 17 1.39 -39.11 22.35
N LEU D 18 1.49 -37.84 22.00
CA LEU D 18 1.26 -36.75 22.94
C LEU D 18 0.25 -35.76 22.38
N ARG D 19 -0.65 -35.30 23.25
CA ARG D 19 -1.62 -34.28 22.88
C ARG D 19 -1.24 -32.99 23.59
N LEU D 20 -1.02 -31.93 22.81
CA LEU D 20 -0.67 -30.61 23.32
C LEU D 20 -1.88 -29.71 23.18
N SER D 21 -2.35 -29.17 24.30
CA SER D 21 -3.48 -28.27 24.31
C SER D 21 -3.00 -26.84 24.51
N CYS D 22 -3.76 -25.89 23.95
CA CYS D 22 -3.41 -24.48 24.06
C CYS D 22 -4.70 -23.70 24.28
N ALA D 23 -4.84 -23.13 25.47
CA ALA D 23 -6.00 -22.33 25.84
C ALA D 23 -5.70 -20.86 25.57
N ALA D 24 -6.59 -20.20 24.85
CA ALA D 24 -6.43 -18.82 24.45
C ALA D 24 -7.41 -17.93 25.20
N SER D 25 -6.94 -16.77 25.66
CA SER D 25 -7.82 -15.82 26.30
C SER D 25 -7.38 -14.42 25.92
N GLY D 26 -8.34 -13.49 25.97
CA GLY D 26 -8.07 -12.10 25.68
C GLY D 26 -8.29 -11.67 24.25
N PHE D 27 -8.80 -12.56 23.40
CA PHE D 27 -9.07 -12.19 22.02
C PHE D 27 -10.11 -13.15 21.44
N THR D 28 -10.73 -12.73 20.34
CA THR D 28 -11.67 -13.57 19.63
C THR D 28 -10.90 -14.66 18.90
N PHE D 29 -11.03 -15.90 19.37
CA PHE D 29 -10.20 -16.99 18.86
C PHE D 29 -10.51 -17.29 17.40
N SER D 30 -11.79 -17.22 17.02
CA SER D 30 -12.18 -17.66 15.68
C SER D 30 -11.66 -16.73 14.59
N ASN D 31 -11.19 -15.54 14.94
CA ASN D 31 -10.78 -14.58 13.93
C ASN D 31 -9.29 -14.65 13.58
N TYR D 32 -8.53 -15.55 14.20
CA TYR D 32 -7.09 -15.60 14.01
C TYR D 32 -6.65 -16.97 13.52
N LYS D 33 -5.56 -16.98 12.76
CA LYS D 33 -4.93 -18.21 12.31
C LYS D 33 -3.95 -18.67 13.38
N MET D 34 -4.25 -19.79 14.02
CA MET D 34 -3.40 -20.29 15.08
C MET D 34 -2.27 -21.14 14.51
N ASN D 35 -1.14 -21.12 15.21
CA ASN D 35 0.07 -21.79 14.76
C ASN D 35 0.57 -22.76 15.81
N TRP D 36 1.73 -23.34 15.54
CA TRP D 36 2.42 -24.25 16.45
C TRP D 36 3.88 -24.27 16.01
N VAL D 37 4.78 -23.80 16.86
CA VAL D 37 6.19 -23.75 16.53
C VAL D 37 6.98 -24.53 17.58
N ARG D 38 8.24 -24.81 17.27
CA ARG D 38 9.11 -25.55 18.17
C ARG D 38 10.47 -24.87 18.22
N GLN D 39 11.17 -25.09 19.33
CA GLN D 39 12.56 -24.67 19.48
C GLN D 39 13.33 -25.83 20.09
N ALA D 40 14.21 -26.43 19.31
CA ALA D 40 15.09 -27.48 19.80
C ALA D 40 16.27 -26.85 20.54
N PRO D 41 16.88 -27.59 21.47
CA PRO D 41 18.04 -27.04 22.20
C PRO D 41 19.18 -26.66 21.27
N GLY D 42 19.47 -25.36 21.20
CA GLY D 42 20.54 -24.86 20.37
C GLY D 42 20.21 -24.74 18.89
N LYS D 43 18.94 -24.87 18.52
CA LYS D 43 18.54 -24.79 17.12
C LYS D 43 17.67 -23.58 16.78
N GLY D 44 17.14 -22.88 17.78
CA GLY D 44 16.31 -21.73 17.52
C GLY D 44 14.87 -22.13 17.18
N LEU D 45 14.05 -21.10 16.97
CA LEU D 45 12.65 -21.32 16.68
C LEU D 45 12.47 -21.93 15.29
N GLU D 46 11.54 -22.87 15.18
CA GLU D 46 11.25 -23.54 13.94
C GLU D 46 9.75 -23.75 13.82
N TRP D 47 9.19 -23.34 12.68
CA TRP D 47 7.76 -23.50 12.46
C TRP D 47 7.42 -24.97 12.27
N VAL D 48 6.30 -25.39 12.86
CA VAL D 48 5.86 -26.78 12.81
C VAL D 48 4.55 -26.92 12.05
N SER D 49 3.53 -26.18 12.43
CA SER D 49 2.23 -26.33 11.82
C SER D 49 1.43 -25.04 11.99
N ASP D 50 0.34 -24.94 11.23
CA ASP D 50 -0.60 -23.84 11.40
C ASP D 50 -1.96 -24.28 10.89
N ILE D 51 -3.00 -23.58 11.36
CA ILE D 51 -4.37 -23.85 10.96
C ILE D 51 -5.11 -22.53 10.85
N SER D 52 -5.89 -22.36 9.78
CA SER D 52 -6.61 -21.12 9.57
C SER D 52 -7.86 -21.09 10.42
N GLN D 53 -8.66 -20.04 10.23
CA GLN D 53 -9.90 -19.89 10.97
C GLN D 53 -10.87 -21.00 10.60
N SER D 54 -11.44 -21.65 11.61
CA SER D 54 -12.37 -22.76 11.42
C SER D 54 -11.76 -23.87 10.57
N GLY D 55 -10.46 -24.09 10.74
CA GLY D 55 -9.78 -25.13 9.98
C GLY D 55 -9.77 -24.81 8.50
N ALA D 56 -9.86 -25.87 7.68
CA ALA D 56 -9.97 -25.85 6.23
C ALA D 56 -8.71 -25.40 5.51
N SER D 57 -7.66 -25.03 6.24
CA SER D 57 -6.38 -24.70 5.62
C SER D 57 -5.23 -25.25 6.45
N ILE D 58 -5.37 -26.50 6.91
CA ILE D 58 -4.36 -27.11 7.74
C ILE D 58 -3.08 -27.34 6.93
N SER D 59 -1.94 -27.01 7.53
CA SER D 59 -0.64 -27.19 6.89
C SER D 59 0.37 -27.62 7.93
N TYR D 60 1.44 -28.26 7.47
CA TYR D 60 2.52 -28.72 8.33
C TYR D 60 3.86 -28.46 7.65
N THR D 61 4.93 -28.65 8.41
CA THR D 61 6.27 -28.64 7.85
C THR D 61 6.63 -30.04 7.37
N GLY D 62 7.67 -30.11 6.54
CA GLY D 62 7.99 -31.36 5.87
C GLY D 62 8.34 -32.49 6.81
N SER D 63 8.97 -32.17 7.94
CA SER D 63 9.45 -33.23 8.84
C SER D 63 8.33 -33.96 9.56
N VAL D 64 7.12 -33.38 9.61
CA VAL D 64 6.05 -33.97 10.41
C VAL D 64 4.78 -34.14 9.59
N LYS D 65 4.93 -34.32 8.27
CA LYS D 65 3.76 -34.40 7.40
C LYS D 65 2.81 -35.51 7.81
N GLY D 66 3.35 -36.70 8.05
CA GLY D 66 2.51 -37.85 8.32
C GLY D 66 2.28 -38.20 9.77
N ARG D 67 2.94 -37.50 10.71
CA ARG D 67 2.86 -37.85 12.12
C ARG D 67 1.96 -36.90 12.90
N PHE D 68 2.10 -35.60 12.71
CA PHE D 68 1.41 -34.61 13.52
C PHE D 68 0.11 -34.19 12.85
N THR D 69 -0.88 -33.86 13.68
CA THR D 69 -2.12 -33.27 13.20
C THR D 69 -2.51 -32.13 14.13
N ILE D 70 -3.23 -31.16 13.59
CA ILE D 70 -3.59 -29.95 14.33
C ILE D 70 -5.07 -29.67 14.13
N SER D 71 -5.76 -29.34 15.22
CA SER D 71 -7.18 -29.00 15.16
C SER D 71 -7.45 -27.85 16.11
N ARG D 72 -8.64 -27.27 16.00
CA ARG D 72 -9.01 -26.18 16.88
C ARG D 72 -10.50 -26.25 17.18
N ASP D 73 -10.87 -25.77 18.36
CA ASP D 73 -12.27 -25.69 18.78
C ASP D 73 -12.51 -24.24 19.18
N ASN D 74 -13.21 -23.50 18.32
CA ASN D 74 -13.50 -22.10 18.59
C ASN D 74 -14.48 -21.95 19.75
N ALA D 75 -15.44 -22.87 19.85
CA ALA D 75 -16.39 -22.82 20.97
C ALA D 75 -15.68 -23.00 22.30
N LYS D 76 -14.74 -23.94 22.37
CA LYS D 76 -13.96 -24.17 23.57
C LYS D 76 -12.72 -23.31 23.66
N ASN D 77 -12.49 -22.45 22.66
CA ASN D 77 -11.40 -21.47 22.70
C ASN D 77 -10.04 -22.15 22.78
N THR D 78 -9.87 -23.31 22.13
CA THR D 78 -8.70 -24.15 22.35
C THR D 78 -8.09 -24.59 21.02
N LEU D 79 -6.79 -24.84 21.04
CA LEU D 79 -6.05 -25.34 19.89
C LEU D 79 -5.30 -26.60 20.31
N TYR D 80 -5.51 -27.70 19.59
CA TYR D 80 -4.93 -28.98 19.93
C TYR D 80 -3.96 -29.43 18.86
N LEU D 81 -2.90 -30.11 19.29
CA LEU D 81 -1.91 -30.71 18.40
C LEU D 81 -1.67 -32.15 18.86
N GLN D 82 -2.00 -33.11 18.01
CA GLN D 82 -1.82 -34.52 18.32
C GLN D 82 -0.58 -35.03 17.60
N MET D 83 0.27 -35.74 18.33
CA MET D 83 1.54 -36.28 17.82
C MET D 83 1.49 -37.79 18.00
N ASN D 84 1.19 -38.51 16.92
CA ASN D 84 0.92 -39.94 17.02
C ASN D 84 2.19 -40.74 17.30
N SER D 85 3.27 -40.43 16.59
CA SER D 85 4.53 -41.18 16.71
C SER D 85 5.67 -40.19 16.85
N LEU D 86 6.31 -40.18 18.00
CA LEU D 86 7.41 -39.26 18.26
C LEU D 86 8.75 -39.89 17.90
N LYS D 87 9.71 -39.03 17.57
CA LYS D 87 11.07 -39.40 17.30
C LYS D 87 12.01 -38.73 18.30
N PRO D 88 13.19 -39.29 18.55
CA PRO D 88 14.13 -38.62 19.45
C PRO D 88 14.60 -37.28 18.92
N GLU D 89 14.47 -37.03 17.62
CA GLU D 89 15.01 -35.81 17.03
C GLU D 89 14.14 -34.59 17.31
N ASP D 90 12.83 -34.76 17.52
CA ASP D 90 11.93 -33.62 17.64
C ASP D 90 11.66 -33.23 19.09
N THR D 91 12.52 -33.63 20.02
CA THR D 91 12.41 -33.12 21.38
C THR D 91 12.75 -31.63 21.42
N ALA D 92 11.87 -30.85 22.00
CA ALA D 92 11.98 -29.39 21.90
C ALA D 92 10.94 -28.75 22.81
N VAL D 93 11.01 -27.43 22.89
CA VAL D 93 9.99 -26.64 23.58
C VAL D 93 8.99 -26.17 22.53
N TYR D 94 7.73 -26.54 22.69
CA TYR D 94 6.69 -26.24 21.72
C TYR D 94 5.89 -25.03 22.18
N TYR D 95 5.69 -24.08 21.28
CA TYR D 95 5.02 -22.82 21.55
C TYR D 95 3.75 -22.73 20.72
N CYS D 96 2.64 -22.41 21.37
CA CYS D 96 1.37 -22.14 20.70
C CYS D 96 1.33 -20.66 20.36
N ALA D 97 1.62 -20.33 19.11
CA ALA D 97 1.64 -18.95 18.67
C ALA D 97 0.38 -18.62 17.87
N ARG D 98 0.08 -17.32 17.80
CA ARG D 98 -1.09 -16.81 17.12
C ARG D 98 -0.67 -15.76 16.11
N CYS D 99 -1.25 -15.83 14.92
CA CYS D 99 -0.98 -14.82 13.91
C CYS D 99 -1.53 -13.47 14.37
N PRO D 100 -0.87 -12.38 14.04
CA PRO D 100 -1.41 -11.06 14.37
C PRO D 100 -2.35 -10.57 13.27
N ALA D 101 -2.96 -9.40 13.46
CA ALA D 101 -3.78 -8.78 12.43
C ALA D 101 -4.86 -9.73 11.92
N PRO D 102 -5.94 -9.94 12.67
CA PRO D 102 -6.93 -10.95 12.30
C PRO D 102 -7.49 -10.73 10.90
N PHE D 103 -8.11 -11.79 10.37
CA PHE D 103 -8.63 -11.82 9.01
C PHE D 103 -7.53 -11.59 7.99
N THR D 104 -6.46 -12.37 8.09
CA THR D 104 -5.34 -12.25 7.18
C THR D 104 -4.92 -13.62 6.66
N ARG D 105 -4.20 -13.60 5.55
CA ARG D 105 -3.63 -14.81 4.95
C ARG D 105 -2.19 -15.05 5.36
N ASP D 106 -1.40 -13.99 5.45
CA ASP D 106 0.00 -14.11 5.87
C ASP D 106 0.10 -14.31 7.37
N CYS D 107 1.31 -14.61 7.82
CA CYS D 107 1.58 -14.75 9.25
C CYS D 107 3.07 -14.44 9.44
N PHE D 108 3.35 -13.22 9.89
CA PHE D 108 4.72 -12.73 9.92
C PHE D 108 5.40 -13.00 11.25
N ASP D 109 6.71 -13.18 11.19
CA ASP D 109 7.65 -13.24 12.32
C ASP D 109 7.09 -13.96 13.54
N VAL D 110 6.40 -15.09 13.32
CA VAL D 110 6.00 -15.93 14.44
C VAL D 110 7.22 -16.63 15.03
N THR D 111 8.12 -17.11 14.19
CA THR D 111 9.34 -17.74 14.67
C THR D 111 10.38 -16.74 15.15
N SER D 112 10.12 -15.45 15.01
CA SER D 112 11.04 -14.44 15.52
C SER D 112 11.09 -14.50 17.04
N THR D 113 12.27 -14.20 17.58
CA THR D 113 12.43 -14.15 19.03
C THR D 113 11.63 -13.00 19.62
N THR D 114 11.21 -13.18 20.87
CA THR D 114 10.43 -12.18 21.60
C THR D 114 9.16 -11.79 20.85
N TYR D 115 8.45 -12.79 20.33
CA TYR D 115 7.16 -12.54 19.72
C TYR D 115 6.11 -12.32 20.80
N ALA D 116 5.29 -11.29 20.63
CA ALA D 116 4.35 -10.90 21.69
C ALA D 116 3.25 -11.92 21.86
N TYR D 117 2.61 -12.33 20.77
CA TYR D 117 1.44 -13.19 20.84
C TYR D 117 1.83 -14.67 20.76
N ARG D 118 2.68 -15.06 21.70
CA ARG D 118 3.18 -16.42 21.81
C ARG D 118 3.06 -16.89 23.24
N GLY D 119 2.72 -18.15 23.43
CA GLY D 119 2.58 -18.71 24.76
C GLY D 119 3.91 -19.00 25.41
N GLN D 120 3.83 -19.40 26.69
CA GLN D 120 5.04 -19.76 27.41
C GLN D 120 5.67 -21.02 26.84
N GLY D 121 4.85 -21.96 26.38
CA GLY D 121 5.35 -23.17 25.77
C GLY D 121 5.48 -24.32 26.76
N THR D 122 5.60 -25.53 26.21
CA THR D 122 5.72 -26.74 27.00
C THR D 122 6.87 -27.57 26.48
N GLN D 123 7.58 -28.22 27.41
CA GLN D 123 8.74 -29.03 27.04
C GLN D 123 8.30 -30.44 26.64
N VAL D 124 8.85 -30.94 25.54
CA VAL D 124 8.59 -32.30 25.08
C VAL D 124 9.93 -32.99 24.92
N THR D 125 10.17 -34.03 25.72
CA THR D 125 11.40 -34.79 25.69
C THR D 125 11.10 -36.22 25.24
N VAL D 126 11.81 -36.68 24.23
CA VAL D 126 11.63 -38.02 23.67
C VAL D 126 12.93 -38.79 23.89
N SER D 127 12.84 -39.92 24.58
CA SER D 127 14.01 -40.74 24.85
C SER D 127 13.58 -42.16 25.23
N MET E 605 -32.26 2.15 -49.26
CA MET E 605 -32.13 3.27 -48.35
C MET E 605 -31.83 2.79 -46.93
N ALA E 606 -31.18 1.63 -46.82
CA ALA E 606 -30.84 1.06 -45.53
C ALA E 606 -29.54 1.59 -44.96
N LEU E 607 -28.63 2.07 -45.81
CA LEU E 607 -27.37 2.62 -45.31
C LEU E 607 -27.62 3.85 -44.44
N THR E 608 -28.53 4.73 -44.88
CA THR E 608 -28.77 5.96 -44.13
C THR E 608 -29.31 5.67 -42.74
N PHE E 609 -30.27 4.76 -42.63
CA PHE E 609 -30.88 4.48 -41.33
C PHE E 609 -29.87 3.88 -40.36
N ILE E 610 -29.09 2.90 -40.82
CA ILE E 610 -28.13 2.24 -39.94
C ILE E 610 -27.02 3.21 -39.56
N THR E 611 -26.57 4.05 -40.49
CA THR E 611 -25.56 5.04 -40.16
C THR E 611 -26.09 6.03 -39.14
N TYR E 612 -27.34 6.48 -39.30
CA TYR E 612 -27.92 7.45 -38.38
C TYR E 612 -28.04 6.86 -36.98
N ILE E 613 -28.57 5.64 -36.88
CA ILE E 613 -28.77 5.04 -35.56
C ILE E 613 -27.42 4.75 -34.91
N GLY E 614 -26.43 4.31 -35.69
CA GLY E 614 -25.11 4.07 -35.13
C GLY E 614 -24.46 5.33 -34.62
N CYS E 615 -24.53 6.41 -35.41
CA CYS E 615 -23.94 7.67 -34.97
C CYS E 615 -24.65 8.22 -33.74
N GLY E 616 -25.98 8.10 -33.68
CA GLY E 616 -26.71 8.58 -32.52
C GLY E 616 -26.37 7.79 -31.26
N LEU E 617 -26.33 6.46 -31.38
CA LEU E 617 -25.96 5.63 -30.23
C LEU E 617 -24.54 5.92 -29.79
N SER E 618 -23.63 6.05 -30.73
CA SER E 618 -22.25 6.38 -30.40
C SER E 618 -22.17 7.73 -29.69
N SER E 619 -22.92 8.72 -30.17
CA SER E 619 -22.88 10.05 -29.55
C SER E 619 -23.39 10.00 -28.12
N ILE E 620 -24.54 9.36 -27.89
CA ILE E 620 -25.11 9.36 -26.54
C ILE E 620 -24.21 8.58 -25.60
N PHE E 621 -23.69 7.43 -26.03
CA PHE E 621 -22.88 6.64 -25.11
C PHE E 621 -21.50 7.25 -24.89
N LEU E 622 -20.96 7.96 -25.90
CA LEU E 622 -19.73 8.69 -25.69
C LEU E 622 -19.94 9.85 -24.71
N SER E 623 -21.08 10.53 -24.79
CA SER E 623 -21.37 11.58 -23.81
C SER E 623 -21.46 10.98 -22.41
N VAL E 624 -22.08 9.81 -22.29
CA VAL E 624 -22.12 9.12 -21.01
C VAL E 624 -20.72 8.80 -20.52
N THR E 625 -19.85 8.33 -21.42
CA THR E 625 -18.48 8.02 -21.05
C THR E 625 -17.73 9.26 -20.57
N LEU E 626 -17.88 10.38 -21.29
CA LEU E 626 -17.22 11.61 -20.86
C LEU E 626 -17.71 12.07 -19.51
N VAL E 627 -19.03 12.08 -19.29
CA VAL E 627 -19.53 12.57 -18.01
C VAL E 627 -19.11 11.64 -16.87
N THR E 628 -19.08 10.34 -17.12
CA THR E 628 -18.63 9.39 -16.10
C THR E 628 -17.16 9.59 -15.77
N TYR E 629 -16.32 9.76 -16.79
CA TYR E 629 -14.88 9.89 -16.56
C TYR E 629 -14.48 11.26 -16.05
N ILE E 630 -15.30 12.29 -16.26
CA ILE E 630 -14.97 13.63 -15.81
C ILE E 630 -15.53 13.90 -14.42
N ALA E 631 -16.78 13.52 -14.17
CA ALA E 631 -17.37 13.73 -12.85
C ALA E 631 -16.63 12.93 -11.79
N PHE E 632 -16.23 11.71 -12.12
CA PHE E 632 -15.51 10.84 -11.20
C PHE E 632 -14.03 10.89 -11.55
N GLU E 633 -13.24 11.54 -10.70
CA GLU E 633 -11.80 11.67 -10.91
C GLU E 633 -11.01 10.52 -10.29
N LYS E 634 -11.70 9.53 -9.73
CA LYS E 634 -11.05 8.40 -9.07
C LYS E 634 -10.66 7.30 -10.05
N ILE E 635 -11.08 7.41 -11.31
CA ILE E 635 -10.86 6.35 -12.29
C ILE E 635 -10.10 6.90 -13.50
N ARG E 636 -9.52 8.09 -13.36
CA ARG E 636 -8.78 8.72 -14.46
C ARG E 636 -7.38 9.12 -14.02
N ARG E 637 -6.80 8.41 -13.06
CA ARG E 637 -5.47 8.74 -12.60
C ARG E 637 -4.39 8.34 -13.59
N ASP E 638 -4.58 7.26 -14.33
CA ASP E 638 -3.54 6.73 -15.19
C ASP E 638 -3.61 7.33 -16.59
N TYR E 639 -2.49 7.26 -17.30
CA TYR E 639 -2.42 7.76 -18.66
C TYR E 639 -3.43 7.13 -19.61
N PRO E 640 -3.67 5.81 -19.61
CA PRO E 640 -4.67 5.26 -20.53
C PRO E 640 -6.03 5.92 -20.42
N SER E 641 -6.50 6.23 -19.21
CA SER E 641 -7.80 6.89 -19.07
C SER E 641 -7.73 8.33 -19.57
N LYS E 642 -6.61 9.01 -19.32
CA LYS E 642 -6.47 10.39 -19.79
C LYS E 642 -6.40 10.46 -21.31
N ILE E 643 -5.97 9.40 -21.98
CA ILE E 643 -6.03 9.39 -23.43
C ILE E 643 -7.39 8.91 -23.90
N LEU E 644 -8.02 8.01 -23.16
CA LEU E 644 -9.34 7.51 -23.54
C LEU E 644 -10.38 8.62 -23.50
N ILE E 645 -10.29 9.51 -22.52
CA ILE E 645 -11.25 10.62 -22.45
C ILE E 645 -11.09 11.53 -23.66
N GLN E 646 -9.86 11.83 -24.05
CA GLN E 646 -9.63 12.67 -25.22
C GLN E 646 -10.16 12.01 -26.49
N LEU E 647 -9.87 10.72 -26.66
CA LEU E 647 -10.36 10.01 -27.84
C LEU E 647 -11.88 9.96 -27.86
N CYS E 648 -12.50 9.73 -26.71
CA CYS E 648 -13.96 9.68 -26.64
C CYS E 648 -14.56 11.03 -26.96
N ALA E 649 -13.96 12.12 -26.48
CA ALA E 649 -14.45 13.45 -26.83
C ALA E 649 -14.32 13.72 -28.31
N ALA E 650 -13.19 13.33 -28.91
CA ALA E 650 -13.01 13.53 -30.34
C ALA E 650 -14.04 12.74 -31.14
N LEU E 651 -14.29 11.49 -30.74
CA LEU E 651 -15.26 10.67 -31.46
C LEU E 651 -16.67 11.20 -31.27
N LEU E 652 -16.99 11.73 -30.09
CA LEU E 652 -18.30 12.32 -29.86
C LEU E 652 -18.50 13.54 -30.76
N LEU E 653 -17.48 14.39 -30.86
CA LEU E 653 -17.58 15.55 -31.75
C LEU E 653 -17.73 15.10 -33.20
N LEU E 654 -16.97 14.07 -33.61
CA LEU E 654 -17.07 13.56 -34.97
C LEU E 654 -18.48 13.06 -35.27
N ASN E 655 -19.03 12.24 -34.36
CA ASN E 655 -20.36 11.69 -34.59
C ASN E 655 -21.41 12.78 -34.62
N LEU E 656 -21.33 13.74 -33.70
CA LEU E 656 -22.32 14.82 -33.67
C LEU E 656 -22.26 15.65 -34.94
N ILE E 657 -21.06 16.00 -35.40
CA ILE E 657 -20.97 16.83 -36.59
C ILE E 657 -21.37 16.05 -37.83
N PHE E 658 -21.08 14.74 -37.88
CA PHE E 658 -21.53 13.94 -39.01
C PHE E 658 -23.05 13.86 -39.05
N LEU E 659 -23.68 13.68 -37.89
CA LEU E 659 -25.15 13.67 -37.83
C LEU E 659 -25.71 15.01 -38.28
N LEU E 660 -25.11 16.12 -37.82
CA LEU E 660 -25.59 17.43 -38.20
C LEU E 660 -25.44 17.67 -39.70
N ASP E 661 -24.29 17.28 -40.27
CA ASP E 661 -24.08 17.46 -41.70
C ASP E 661 -25.04 16.63 -42.52
N SER E 662 -25.32 15.40 -42.08
CA SER E 662 -26.23 14.55 -42.83
C SER E 662 -27.67 15.06 -42.75
N TRP E 663 -28.10 15.44 -41.56
CA TRP E 663 -29.48 15.90 -41.35
C TRP E 663 -29.82 17.26 -41.98
N ILE E 664 -28.89 18.20 -41.91
CA ILE E 664 -29.14 19.55 -42.42
C ILE E 664 -28.85 19.57 -43.91
N ALA E 665 -29.84 20.00 -44.70
CA ALA E 665 -29.71 20.10 -46.15
C ALA E 665 -29.32 21.53 -46.52
N LEU E 666 -28.11 21.90 -46.12
CA LEU E 666 -27.58 23.24 -46.34
C LEU E 666 -26.80 23.33 -47.67
N TYR E 667 -27.46 22.89 -48.73
CA TYR E 667 -26.86 22.86 -50.07
C TYR E 667 -27.05 24.17 -50.83
N ASN E 668 -27.30 25.27 -50.13
CA ASN E 668 -27.52 26.56 -50.76
C ASN E 668 -26.49 27.60 -50.36
N THR E 669 -26.06 27.62 -49.10
CA THR E 669 -25.10 28.59 -48.62
C THR E 669 -23.68 28.10 -48.82
N ARG E 670 -22.78 29.02 -49.15
CA ARG E 670 -21.37 28.67 -49.36
C ARG E 670 -20.55 28.75 -48.08
N GLY E 671 -21.00 29.52 -47.09
CA GLY E 671 -20.24 29.68 -45.87
C GLY E 671 -20.43 28.56 -44.88
N PHE E 672 -21.69 28.26 -44.54
CA PHE E 672 -21.98 27.27 -43.52
C PHE E 672 -21.58 25.86 -43.99
N CYS E 673 -21.82 25.55 -45.27
CA CYS E 673 -21.42 24.24 -45.79
C CYS E 673 -19.91 24.07 -45.74
N ILE E 674 -19.17 25.09 -46.15
CA ILE E 674 -17.71 25.01 -46.08
C ILE E 674 -17.25 24.88 -44.64
N ALA E 675 -17.85 25.65 -43.72
CA ALA E 675 -17.44 25.58 -42.33
C ALA E 675 -17.70 24.20 -41.73
N VAL E 676 -18.87 23.62 -42.00
CA VAL E 676 -19.19 22.32 -41.42
C VAL E 676 -18.30 21.24 -42.04
N ALA E 677 -18.01 21.34 -43.34
CA ALA E 677 -17.10 20.38 -43.96
C ALA E 677 -15.70 20.49 -43.36
N VAL E 678 -15.22 21.71 -43.14
CA VAL E 678 -13.90 21.92 -42.54
C VAL E 678 -13.86 21.32 -41.15
N PHE E 679 -14.88 21.58 -40.34
CA PHE E 679 -14.88 21.07 -38.97
C PHE E 679 -15.01 19.54 -38.93
N LEU E 680 -15.80 18.97 -39.85
CA LEU E 680 -15.90 17.51 -39.91
C LEU E 680 -14.57 16.88 -40.31
N HIS E 681 -13.88 17.47 -41.30
CA HIS E 681 -12.57 16.97 -41.69
C HIS E 681 -11.58 17.07 -40.54
N TYR E 682 -11.60 18.20 -39.82
CA TYR E 682 -10.70 18.37 -38.69
C TYR E 682 -10.98 17.34 -37.61
N PHE E 683 -12.26 17.08 -37.31
CA PHE E 683 -12.59 16.11 -36.28
C PHE E 683 -12.20 14.70 -36.70
N LEU E 684 -12.36 14.37 -37.98
CA LEU E 684 -11.92 13.07 -38.47
C LEU E 684 -10.41 12.91 -38.30
N LEU E 685 -9.65 13.92 -38.69
CA LEU E 685 -8.21 13.87 -38.52
C LEU E 685 -7.82 13.79 -37.06
N VAL E 686 -8.55 14.49 -36.19
CA VAL E 686 -8.26 14.45 -34.76
C VAL E 686 -8.50 13.05 -34.20
N SER E 687 -9.59 12.41 -34.60
CA SER E 687 -9.86 11.06 -34.12
C SER E 687 -8.79 10.09 -34.60
N PHE E 688 -8.39 10.20 -35.87
CA PHE E 688 -7.33 9.34 -36.38
C PHE E 688 -6.03 9.56 -35.60
N THR E 689 -5.69 10.83 -35.35
CA THR E 689 -4.46 11.13 -34.62
C THR E 689 -4.53 10.64 -33.19
N TRP E 690 -5.71 10.65 -32.57
CA TRP E 690 -5.81 10.16 -31.20
C TRP E 690 -5.68 8.65 -31.13
N MET E 691 -6.23 7.93 -32.10
CA MET E 691 -5.99 6.49 -32.14
C MET E 691 -4.51 6.19 -32.37
N GLY E 692 -3.87 6.93 -33.29
CA GLY E 692 -2.44 6.77 -33.47
C GLY E 692 -1.65 7.09 -32.22
N LEU E 693 -2.11 8.08 -31.45
CA LEU E 693 -1.43 8.44 -30.22
C LEU E 693 -1.60 7.37 -29.16
N GLU E 694 -2.77 6.72 -29.11
CA GLU E 694 -2.93 5.59 -28.21
C GLU E 694 -1.97 4.46 -28.59
N ALA E 695 -1.83 4.19 -29.89
CA ALA E 695 -0.86 3.19 -30.32
C ALA E 695 0.56 3.58 -29.91
N PHE E 696 0.91 4.86 -30.09
CA PHE E 696 2.24 5.31 -29.74
C PHE E 696 2.49 5.23 -28.23
N HIS E 697 1.42 5.46 -27.46
CA HIS E 697 1.51 5.37 -26.01
C HIS E 697 1.86 3.93 -25.68
N MET E 698 1.09 2.99 -26.21
CA MET E 698 1.37 1.59 -25.95
C MET E 698 2.73 1.17 -26.47
N TYR E 699 3.30 1.88 -27.44
CA TYR E 699 4.70 1.67 -27.78
C TYR E 699 5.61 2.06 -26.62
N LEU E 700 5.29 3.15 -25.93
CA LEU E 700 6.09 3.62 -24.82
C LEU E 700 5.80 2.87 -23.52
N ALA E 701 4.85 1.93 -23.53
CA ALA E 701 4.54 1.16 -22.35
C ALA E 701 4.91 -0.30 -22.46
N LEU E 702 5.11 -0.82 -23.67
CA LEU E 702 5.35 -2.24 -23.87
C LEU E 702 6.65 -2.53 -24.61
N VAL E 703 7.03 -1.70 -25.59
CA VAL E 703 8.26 -1.94 -26.34
C VAL E 703 9.41 -1.24 -25.64
N LYS E 704 9.35 0.08 -25.55
CA LYS E 704 10.28 0.85 -24.74
C LYS E 704 9.65 1.02 -23.37
N VAL E 705 10.17 0.31 -22.38
CA VAL E 705 9.49 0.18 -21.10
C VAL E 705 10.17 1.07 -20.06
N PHE E 706 11.43 1.43 -20.32
CA PHE E 706 12.25 2.16 -19.37
C PHE E 706 12.48 3.59 -19.85
N ASN E 707 12.66 4.50 -18.89
CA ASN E 707 12.93 5.90 -19.16
C ASN E 707 11.84 6.53 -20.04
N THR E 708 10.59 6.20 -19.73
CA THR E 708 9.46 6.65 -20.53
C THR E 708 8.77 7.89 -19.96
N TYR E 709 9.26 8.43 -18.85
CA TYR E 709 8.61 9.60 -18.25
C TYR E 709 9.02 10.87 -18.97
N ILE E 710 8.04 11.68 -19.35
CA ILE E 710 8.26 13.00 -19.91
C ILE E 710 7.25 13.96 -19.28
N ARG E 711 7.70 15.17 -18.98
CA ARG E 711 6.84 16.15 -18.31
C ARG E 711 5.65 16.51 -19.19
N LYS E 712 4.48 16.61 -18.56
CA LYS E 712 3.23 16.97 -19.23
C LYS E 712 2.94 16.00 -20.38
N TYR E 713 2.74 14.74 -20.01
CA TYR E 713 2.46 13.70 -20.99
C TYR E 713 1.18 14.00 -21.76
N ILE E 714 0.08 14.23 -21.03
CA ILE E 714 -1.20 14.42 -21.68
C ILE E 714 -1.24 15.76 -22.41
N LEU E 715 -0.58 16.79 -21.86
CA LEU E 715 -0.51 18.06 -22.58
C LEU E 715 0.23 17.91 -23.90
N LYS E 716 1.36 17.19 -23.90
CA LYS E 716 2.10 16.99 -25.14
C LYS E 716 1.36 16.09 -26.11
N PHE E 717 0.52 15.19 -25.61
CA PHE E 717 -0.32 14.41 -26.52
C PHE E 717 -1.45 15.27 -27.10
N CYS E 718 -2.02 16.16 -26.29
CA CYS E 718 -3.10 17.00 -26.79
C CYS E 718 -2.59 18.03 -27.78
N ILE E 719 -1.33 18.45 -27.64
CA ILE E 719 -0.74 19.38 -28.60
C ILE E 719 -0.70 18.75 -29.99
N VAL E 720 -0.42 17.46 -30.06
CA VAL E 720 -0.32 16.78 -31.36
C VAL E 720 -1.69 16.31 -31.84
N GLY E 721 -2.53 15.81 -30.93
CA GLY E 721 -3.81 15.27 -31.35
C GLY E 721 -4.74 16.31 -31.94
N TRP E 722 -4.78 17.50 -31.35
CA TRP E 722 -5.61 18.59 -31.85
C TRP E 722 -4.81 19.64 -32.62
N GLY E 723 -3.49 19.51 -32.67
CA GLY E 723 -2.67 20.52 -33.33
C GLY E 723 -2.32 20.20 -34.77
N ILE E 724 -1.83 18.99 -35.02
CA ILE E 724 -1.50 18.59 -36.39
C ILE E 724 -2.73 18.59 -37.29
N PRO E 725 -3.88 18.04 -36.90
CA PRO E 725 -5.08 18.21 -37.75
C PRO E 725 -5.43 19.67 -37.99
N ALA E 726 -5.26 20.52 -36.98
CA ALA E 726 -5.52 21.95 -37.17
C ALA E 726 -4.59 22.55 -38.20
N VAL E 727 -3.31 22.17 -38.17
CA VAL E 727 -2.36 22.67 -39.16
C VAL E 727 -2.73 22.19 -40.55
N VAL E 728 -3.09 20.91 -40.68
CA VAL E 728 -3.46 20.38 -42.00
C VAL E 728 -4.69 21.10 -42.54
N VAL E 729 -5.69 21.31 -41.68
CA VAL E 729 -6.91 22.01 -42.09
C VAL E 729 -6.59 23.44 -42.49
N SER E 730 -5.74 24.11 -41.72
CA SER E 730 -5.38 25.49 -42.05
C SER E 730 -4.67 25.57 -43.40
N ILE E 731 -3.77 24.63 -43.67
CA ILE E 731 -3.06 24.63 -44.95
C ILE E 731 -4.04 24.36 -46.10
N VAL E 732 -4.92 23.38 -45.93
CA VAL E 732 -5.84 23.05 -47.01
C VAL E 732 -6.86 24.16 -47.23
N LEU E 733 -7.15 24.95 -46.19
CA LEU E 733 -8.01 26.11 -46.37
C LEU E 733 -7.28 27.25 -47.06
N THR E 734 -6.02 27.50 -46.67
CA THR E 734 -5.31 28.65 -47.22
C THR E 734 -4.87 28.42 -48.65
N ILE E 735 -4.67 27.16 -49.06
CA ILE E 735 -4.35 26.92 -50.46
C ILE E 735 -5.57 27.18 -51.33
N SER E 736 -6.74 26.72 -50.91
CA SER E 736 -7.99 27.00 -51.60
C SER E 736 -9.16 26.83 -50.63
N PRO E 737 -9.86 27.90 -50.27
CA PRO E 737 -11.02 27.77 -49.37
C PRO E 737 -12.19 27.02 -50.00
N ASP E 738 -12.19 26.83 -51.31
CA ASP E 738 -13.29 26.17 -52.00
C ASP E 738 -13.14 24.66 -52.02
N ASN E 739 -12.06 24.13 -51.47
CA ASN E 739 -11.85 22.68 -51.44
C ASN E 739 -12.93 21.95 -50.65
N TYR E 740 -13.66 22.64 -49.78
CA TYR E 740 -14.69 22.03 -48.96
C TYR E 740 -16.09 22.25 -49.49
N GLY E 741 -16.23 22.86 -50.66
CA GLY E 741 -17.53 23.08 -51.24
C GLY E 741 -18.08 21.84 -51.92
N ILE E 742 -19.28 22.00 -52.49
CA ILE E 742 -19.92 20.91 -53.21
C ILE E 742 -20.24 21.35 -54.63
N PRO E 749 -15.92 8.36 -52.24
CA PRO E 749 -16.51 9.52 -51.56
C PRO E 749 -17.12 9.14 -50.21
N ASN E 750 -16.69 9.83 -49.16
CA ASN E 750 -17.18 9.54 -47.81
C ASN E 750 -18.61 10.03 -47.59
N GLY E 751 -19.04 11.07 -48.30
CA GLY E 751 -20.39 11.56 -48.15
C GLY E 751 -21.40 10.68 -48.88
N THR E 752 -22.58 10.52 -48.26
CA THR E 752 -23.63 9.69 -48.83
C THR E 752 -24.12 10.21 -50.18
N PRO E 753 -24.79 11.36 -50.27
CA PRO E 753 -25.18 11.89 -51.58
C PRO E 753 -24.14 12.85 -52.14
N ASP E 754 -24.40 13.38 -53.34
CA ASP E 754 -23.50 14.35 -53.94
C ASP E 754 -23.65 15.75 -53.35
N ASP E 755 -24.68 15.98 -52.53
CA ASP E 755 -24.90 17.26 -51.88
C ASP E 755 -24.45 17.26 -50.42
N PHE E 756 -23.40 16.51 -50.10
CA PHE E 756 -22.87 16.40 -48.75
C PHE E 756 -21.61 17.24 -48.65
N CYS E 757 -21.59 18.17 -47.67
CA CYS E 757 -20.43 19.03 -47.49
C CYS E 757 -19.19 18.21 -47.18
N TRP E 758 -18.24 18.21 -48.09
CA TRP E 758 -17.06 17.35 -48.01
C TRP E 758 -16.03 17.88 -49.00
N ILE E 759 -14.82 17.30 -48.93
CA ILE E 759 -13.76 17.70 -49.84
C ILE E 759 -14.17 17.37 -51.26
N ASN E 760 -14.12 18.37 -52.14
CA ASN E 760 -14.48 18.19 -53.54
C ASN E 760 -13.26 18.14 -54.46
N SER E 761 -12.06 18.39 -53.93
CA SER E 761 -10.87 18.37 -54.76
C SER E 761 -10.56 16.98 -55.28
N ASN E 762 -10.71 15.96 -54.42
CA ASN E 762 -10.39 14.57 -54.73
C ASN E 762 -8.91 14.40 -55.03
N VAL E 763 -8.14 15.48 -54.88
CA VAL E 763 -6.69 15.41 -54.97
C VAL E 763 -6.02 15.64 -53.62
N VAL E 764 -6.55 16.56 -52.80
CA VAL E 764 -6.10 16.70 -51.42
C VAL E 764 -6.81 15.71 -50.51
N PHE E 765 -7.89 15.07 -50.98
CA PHE E 765 -8.58 14.08 -50.16
C PHE E 765 -7.70 12.86 -49.91
N TYR E 766 -6.85 12.50 -50.87
CA TYR E 766 -5.99 11.34 -50.70
C TYR E 766 -4.91 11.63 -49.65
N ILE E 767 -4.25 12.78 -49.76
CA ILE E 767 -3.16 13.08 -48.83
C ILE E 767 -3.69 13.40 -47.45
N THR E 768 -4.69 14.28 -47.36
CA THR E 768 -5.15 14.76 -46.06
C THR E 768 -5.99 13.73 -45.32
N VAL E 769 -6.66 12.82 -46.02
CA VAL E 769 -7.51 11.82 -45.40
C VAL E 769 -6.94 10.43 -45.54
N VAL E 770 -6.76 9.96 -46.79
CA VAL E 770 -6.35 8.56 -46.99
C VAL E 770 -4.92 8.35 -46.52
N GLY E 771 -3.98 9.18 -46.97
CA GLY E 771 -2.59 8.99 -46.59
C GLY E 771 -2.37 9.13 -45.10
N TYR E 772 -3.00 10.14 -44.49
CA TYR E 772 -2.99 10.27 -43.04
C TYR E 772 -3.55 9.00 -42.39
N PHE E 773 -4.68 8.52 -42.89
CA PHE E 773 -5.27 7.30 -42.35
C PHE E 773 -4.39 6.09 -42.63
N CYS E 774 -3.71 6.05 -43.78
CA CYS E 774 -2.82 4.92 -44.04
C CYS E 774 -1.68 4.87 -43.04
N VAL E 775 -1.06 6.03 -42.76
CA VAL E 775 0.04 6.05 -41.79
C VAL E 775 -0.48 5.66 -40.41
N ILE E 776 -1.62 6.21 -40.01
CA ILE E 776 -2.17 5.90 -38.69
C ILE E 776 -2.51 4.42 -38.60
N PHE E 777 -3.08 3.85 -39.66
CA PHE E 777 -3.44 2.44 -39.64
C PHE E 777 -2.22 1.55 -39.60
N LEU E 778 -1.16 1.90 -40.32
CA LEU E 778 0.07 1.12 -40.26
C LEU E 778 0.62 1.11 -38.84
N LEU E 779 0.68 2.28 -38.21
CA LEU E 779 1.19 2.32 -36.83
C LEU E 779 0.29 1.54 -35.89
N ASN E 780 -1.03 1.69 -36.04
CA ASN E 780 -1.97 1.02 -35.14
C ASN E 780 -1.91 -0.49 -35.29
N VAL E 781 -1.84 -0.98 -36.52
CA VAL E 781 -1.77 -2.42 -36.74
C VAL E 781 -0.43 -2.98 -36.29
N SER E 782 0.65 -2.21 -36.44
CA SER E 782 1.94 -2.66 -35.92
C SER E 782 1.90 -2.80 -34.41
N MET E 783 1.33 -1.81 -33.72
CA MET E 783 1.24 -1.91 -32.27
C MET E 783 0.28 -3.00 -31.83
N PHE E 784 -0.79 -3.22 -32.60
CA PHE E 784 -1.70 -4.32 -32.30
C PHE E 784 -0.99 -5.67 -32.41
N ILE E 785 -0.20 -5.84 -33.46
CA ILE E 785 0.57 -7.07 -33.63
C ILE E 785 1.56 -7.25 -32.49
N VAL E 786 2.21 -6.16 -32.08
CA VAL E 786 3.16 -6.24 -30.98
C VAL E 786 2.46 -6.66 -29.69
N VAL E 787 1.31 -6.07 -29.40
CA VAL E 787 0.57 -6.41 -28.19
C VAL E 787 0.13 -7.87 -28.22
N LEU E 788 -0.34 -8.33 -29.39
CA LEU E 788 -0.70 -9.74 -29.52
C LEU E 788 0.51 -10.65 -29.29
N VAL E 789 1.68 -10.25 -29.80
CA VAL E 789 2.88 -11.06 -29.60
C VAL E 789 3.21 -11.15 -28.12
N GLN E 790 3.16 -10.03 -27.40
CA GLN E 790 3.47 -10.05 -25.98
C GLN E 790 2.45 -10.89 -25.21
N LEU E 791 1.19 -10.76 -25.56
CA LEU E 791 0.13 -11.52 -24.90
C LEU E 791 0.32 -13.02 -25.11
N CYS E 792 0.63 -13.42 -26.34
CA CYS E 792 0.85 -14.82 -26.65
C CYS E 792 2.09 -15.36 -25.92
N ARG E 793 3.15 -14.55 -25.85
CA ARG E 793 4.33 -14.98 -25.11
C ARG E 793 4.01 -15.17 -23.64
N ILE E 794 3.22 -14.27 -23.05
CA ILE E 794 2.87 -14.37 -21.64
C ILE E 794 2.00 -15.60 -21.40
N LYS E 795 1.02 -15.86 -22.26
CA LYS E 795 0.13 -17.00 -22.08
C LYS E 795 0.82 -18.34 -22.31
N LYS E 796 2.02 -18.34 -22.87
CA LYS E 796 2.77 -19.57 -23.11
C LYS E 796 3.95 -19.72 -22.17
N LYS E 797 3.77 -19.32 -20.91
CA LYS E 797 4.78 -19.43 -19.87
C LYS E 797 4.20 -20.17 -18.67
N LYS E 798 3.59 -21.32 -18.94
CA LYS E 798 3.05 -22.19 -17.90
C LYS E 798 4.09 -22.42 -16.81
N GLN E 799 3.76 -22.01 -15.58
CA GLN E 799 4.71 -22.08 -14.48
C GLN E 799 4.92 -23.51 -14.03
N LEU E 800 3.85 -24.17 -13.59
CA LEU E 800 3.90 -25.57 -13.20
C LEU E 800 3.31 -26.49 -14.27
N GLY E 801 2.12 -26.19 -14.76
CA GLY E 801 1.50 -26.99 -15.79
C GLY E 801 0.83 -26.16 -16.86
N ILE E 808 -13.07 -15.50 -20.22
CA ILE E 808 -13.52 -14.71 -21.37
C ILE E 808 -13.06 -13.27 -21.23
N GLN E 809 -12.39 -12.98 -20.11
CA GLN E 809 -11.89 -11.64 -19.84
C GLN E 809 -10.79 -11.27 -20.84
N ASP E 810 -9.97 -12.24 -21.22
CA ASP E 810 -8.89 -11.98 -22.18
C ASP E 810 -9.44 -11.61 -23.55
N LEU E 811 -10.46 -12.34 -24.02
CA LEU E 811 -11.03 -12.04 -25.32
C LEU E 811 -11.91 -10.79 -25.29
N ARG E 812 -12.58 -10.54 -24.17
CA ARG E 812 -13.38 -9.32 -24.06
C ARG E 812 -12.50 -8.08 -24.08
N SER E 813 -11.36 -8.12 -23.37
CA SER E 813 -10.49 -6.95 -23.30
C SER E 813 -9.79 -6.69 -24.62
N ILE E 814 -9.40 -7.75 -25.33
CA ILE E 814 -8.66 -7.57 -26.57
C ILE E 814 -9.54 -6.97 -27.66
N ALA E 815 -10.83 -7.28 -27.66
CA ALA E 815 -11.76 -6.62 -28.59
C ALA E 815 -11.85 -5.14 -28.28
N GLY E 816 -11.82 -4.78 -26.99
CA GLY E 816 -11.77 -3.38 -26.63
C GLY E 816 -10.53 -2.70 -27.16
N LEU E 817 -9.40 -3.40 -27.15
CA LEU E 817 -8.18 -2.86 -27.75
C LEU E 817 -8.34 -2.71 -29.26
N THR E 818 -8.98 -3.68 -29.91
CA THR E 818 -9.19 -3.60 -31.35
C THR E 818 -10.01 -2.39 -31.72
N PHE E 819 -11.09 -2.13 -30.97
CA PHE E 819 -11.94 -0.99 -31.28
C PHE E 819 -11.28 0.32 -30.86
N LEU E 820 -10.46 0.27 -29.80
CA LEU E 820 -9.75 1.46 -29.35
C LEU E 820 -8.69 1.90 -30.36
N LEU E 821 -8.05 0.95 -31.03
CA LEU E 821 -7.00 1.24 -31.98
C LEU E 821 -7.53 1.52 -33.38
N GLY E 822 -8.83 1.39 -33.60
CA GLY E 822 -9.38 1.63 -34.92
C GLY E 822 -8.92 0.64 -35.97
N ILE E 823 -8.73 -0.62 -35.59
CA ILE E 823 -8.39 -1.64 -36.56
C ILE E 823 -9.57 -1.89 -37.49
N THR E 824 -10.80 -1.73 -36.99
CA THR E 824 -11.99 -1.91 -37.82
C THR E 824 -12.05 -0.88 -38.93
N TRP E 825 -11.31 0.23 -38.82
CA TRP E 825 -11.23 1.18 -39.91
C TRP E 825 -10.52 0.60 -41.14
N GLY E 826 -9.86 -0.54 -41.00
CA GLY E 826 -9.19 -1.17 -42.12
C GLY E 826 -10.11 -1.76 -43.17
N PHE E 827 -11.41 -1.87 -42.86
CA PHE E 827 -12.37 -2.33 -43.86
C PHE E 827 -12.52 -1.35 -45.01
N ALA E 828 -12.03 -0.11 -44.84
CA ALA E 828 -12.10 0.85 -45.94
C ALA E 828 -11.32 0.37 -47.15
N PHE E 829 -10.24 -0.40 -46.94
CA PHE E 829 -9.49 -0.93 -48.06
C PHE E 829 -10.34 -1.88 -48.90
N PHE E 830 -11.12 -2.75 -48.25
CA PHE E 830 -11.95 -3.70 -48.96
C PHE E 830 -13.19 -3.05 -49.58
N ALA E 831 -13.64 -1.92 -49.05
CA ALA E 831 -14.78 -1.22 -49.62
C ALA E 831 -14.39 -0.30 -50.77
N TRP E 832 -13.09 -0.16 -51.06
CA TRP E 832 -12.65 0.66 -52.19
C TRP E 832 -12.43 -0.15 -53.45
N GLY E 833 -12.00 -1.40 -53.33
CA GLY E 833 -11.77 -2.24 -54.48
C GLY E 833 -10.66 -1.77 -55.39
N VAL E 835 -18.29 -1.84 -54.99
CA VAL E 835 -17.65 -3.15 -54.91
C VAL E 835 -17.69 -3.66 -53.47
N ASN E 836 -17.86 -4.97 -53.31
CA ASN E 836 -17.86 -5.63 -52.01
C ASN E 836 -18.92 -5.00 -51.09
N VAL E 837 -20.18 -5.16 -51.49
CA VAL E 837 -21.29 -4.51 -50.78
C VAL E 837 -21.35 -4.98 -49.33
N THR E 838 -21.09 -6.27 -49.10
CA THR E 838 -21.09 -6.77 -47.73
C THR E 838 -19.96 -6.17 -46.91
N PHE E 839 -18.78 -6.02 -47.52
CA PHE E 839 -17.68 -5.34 -46.84
C PHE E 839 -17.99 -3.87 -46.62
N MET E 840 -18.68 -3.24 -47.58
CA MET E 840 -19.08 -1.85 -47.39
C MET E 840 -20.03 -1.70 -46.21
N TYR E 841 -21.01 -2.61 -46.11
CA TYR E 841 -21.91 -2.60 -44.96
C TYR E 841 -21.15 -2.84 -43.65
N LEU E 842 -20.22 -3.80 -43.67
CA LEU E 842 -19.44 -4.10 -42.48
C LEU E 842 -18.62 -2.91 -42.03
N PHE E 843 -18.02 -2.20 -42.98
CA PHE E 843 -17.29 -0.97 -42.67
C PHE E 843 -18.23 0.08 -42.11
N ALA E 844 -19.42 0.22 -42.69
CA ALA E 844 -20.36 1.23 -42.21
C ALA E 844 -20.89 0.94 -40.82
N ILE E 845 -20.93 -0.33 -40.41
CA ILE E 845 -21.53 -0.69 -39.13
C ILE E 845 -20.55 -0.51 -37.98
N PHE E 846 -19.38 -1.16 -38.04
CA PHE E 846 -18.46 -1.09 -36.91
C PHE E 846 -17.93 0.32 -36.67
N ASN E 847 -17.61 1.04 -37.75
CA ASN E 847 -16.97 2.34 -37.58
C ASN E 847 -17.90 3.35 -36.93
N THR E 848 -19.19 3.33 -37.29
CA THR E 848 -20.14 4.23 -36.65
C THR E 848 -20.38 3.86 -35.19
N LEU E 849 -20.38 2.56 -34.89
CA LEU E 849 -20.56 2.07 -33.53
C LEU E 849 -19.25 2.01 -32.75
N GLN E 850 -18.21 2.70 -33.22
CA GLN E 850 -16.94 2.68 -32.51
C GLN E 850 -17.07 3.28 -31.11
N GLY E 851 -17.78 4.40 -30.99
CA GLY E 851 -17.95 5.02 -29.69
C GLY E 851 -18.75 4.16 -28.73
N PHE E 852 -19.83 3.55 -29.23
CA PHE E 852 -20.64 2.69 -28.37
C PHE E 852 -19.83 1.49 -27.87
N PHE E 853 -19.05 0.88 -28.77
CA PHE E 853 -18.23 -0.26 -28.37
C PHE E 853 -17.12 0.15 -27.41
N ILE E 854 -16.55 1.34 -27.61
CA ILE E 854 -15.56 1.85 -26.68
C ILE E 854 -16.17 2.05 -25.30
N PHE E 855 -17.38 2.60 -25.25
CA PHE E 855 -18.08 2.73 -23.97
C PHE E 855 -18.32 1.37 -23.34
N ILE E 856 -18.74 0.39 -24.13
CA ILE E 856 -19.04 -0.93 -23.60
C ILE E 856 -17.79 -1.59 -23.02
N PHE E 857 -16.68 -1.50 -23.74
CA PHE E 857 -15.47 -2.22 -23.37
C PHE E 857 -14.52 -1.42 -22.49
N TYR E 858 -14.82 -0.15 -22.21
CA TYR E 858 -13.91 0.68 -21.43
C TYR E 858 -14.59 1.52 -20.36
N CYS E 859 -15.91 1.59 -20.33
CA CYS E 859 -16.64 2.25 -19.25
C CYS E 859 -17.49 1.29 -18.45
N ALA E 860 -18.36 0.53 -19.11
CA ALA E 860 -19.16 -0.46 -18.40
C ALA E 860 -18.36 -1.71 -18.06
N ALA E 861 -17.37 -2.05 -18.88
CA ALA E 861 -16.58 -3.26 -18.64
C ALA E 861 -15.80 -3.17 -17.35
N LYS E 862 -15.21 -2.01 -17.07
CA LYS E 862 -14.42 -1.83 -15.85
C LYS E 862 -15.29 -2.00 -14.62
N GLU E 863 -14.81 -2.80 -13.67
CA GLU E 863 -15.59 -3.05 -12.46
C GLU E 863 -15.57 -1.86 -11.51
N ASN E 864 -14.46 -1.12 -11.47
CA ASN E 864 -14.38 0.03 -10.58
C ASN E 864 -15.38 1.11 -10.96
N VAL E 865 -15.58 1.32 -12.26
CA VAL E 865 -16.55 2.31 -12.72
C VAL E 865 -17.96 1.94 -12.27
N ARG E 866 -18.32 0.66 -12.47
CA ARG E 866 -19.64 0.20 -12.04
C ARG E 866 -19.80 0.32 -10.54
N LYS E 867 -18.77 -0.03 -9.77
CA LYS E 867 -18.84 0.08 -8.33
C LYS E 867 -19.03 1.53 -7.88
N GLN E 868 -18.32 2.45 -8.53
CA GLN E 868 -18.39 3.86 -8.15
C GLN E 868 -19.66 4.52 -8.65
N TRP E 869 -20.35 3.92 -9.64
CA TRP E 869 -21.67 4.42 -10.01
C TRP E 869 -22.65 4.34 -8.85
N ARG E 870 -22.63 3.23 -8.12
CA ARG E 870 -23.54 3.05 -7.00
C ARG E 870 -23.08 3.86 -5.79
C1 AND F . -18.12 5.83 -44.98
C2 AND F . -18.09 5.73 -43.45
C3 AND F . -19.09 6.64 -42.78
O3 AND F . -19.10 6.36 -41.39
C4 AND F . -20.49 6.43 -43.35
C5 AND F . -20.52 6.57 -44.88
C6 AND F . -21.97 6.89 -45.69
C7 AND F . -21.88 6.97 -47.18
C8 AND F . -20.88 5.85 -47.82
C9 AND F . -19.47 5.87 -47.16
C10 AND F . -19.55 5.65 -45.55
C11 AND F . -18.56 4.82 -47.81
C12 AND F . -18.55 4.93 -49.44
C13 AND F . -19.87 4.97 -50.01
C14 AND F . -20.80 6.03 -49.33
C15 AND F . -22.16 6.10 -50.30
C16 AND F . -21.64 5.42 -51.81
C17 AND F . -20.12 5.18 -51.65
O17 AND F . -19.31 5.16 -52.50
C18 AND F . -20.48 3.60 -49.72
C19 AND F . -19.99 4.21 -45.30
#